data_6N7O
# 
_entry.id   6N7O 
# 
_audit_conform.dict_name       mmcif_pdbx.dic 
_audit_conform.dict_version    5.387 
_audit_conform.dict_location   http://mmcif.pdb.org/dictionaries/ascii/mmcif_pdbx.dic 
# 
loop_
_database_2.database_id 
_database_2.database_code 
_database_2.pdbx_database_accession 
_database_2.pdbx_DOI 
PDB   6N7O         pdb_00006n7o 10.2210/pdb6n7o/pdb 
WWPDB D_1000238071 ?            ?                   
# 
loop_
_pdbx_audit_revision_history.ordinal 
_pdbx_audit_revision_history.data_content_type 
_pdbx_audit_revision_history.major_revision 
_pdbx_audit_revision_history.minor_revision 
_pdbx_audit_revision_history.revision_date 
1 'Structure model' 1 0 2019-05-15 
2 'Structure model' 1 1 2019-07-17 
3 'Structure model' 1 2 2020-01-08 
4 'Structure model' 1 3 2024-03-13 
# 
_pdbx_audit_revision_details.ordinal             1 
_pdbx_audit_revision_details.revision_ordinal    1 
_pdbx_audit_revision_details.data_content_type   'Structure model' 
_pdbx_audit_revision_details.provider            repository 
_pdbx_audit_revision_details.type                'Initial release' 
_pdbx_audit_revision_details.description         ? 
_pdbx_audit_revision_details.details             ? 
# 
loop_
_pdbx_audit_revision_group.ordinal 
_pdbx_audit_revision_group.revision_ordinal 
_pdbx_audit_revision_group.data_content_type 
_pdbx_audit_revision_group.group 
1 2 'Structure model' 'Data collection'            
2 2 'Structure model' 'Database references'        
3 3 'Structure model' 'Author supporting evidence' 
4 4 'Structure model' 'Data collection'            
5 4 'Structure model' 'Database references'        
# 
loop_
_pdbx_audit_revision_category.ordinal 
_pdbx_audit_revision_category.revision_ordinal 
_pdbx_audit_revision_category.data_content_type 
_pdbx_audit_revision_category.category 
1 2 'Structure model' citation           
2 3 'Structure model' pdbx_audit_support 
3 4 'Structure model' chem_comp_atom     
4 4 'Structure model' chem_comp_bond     
5 4 'Structure model' database_2         
# 
loop_
_pdbx_audit_revision_item.ordinal 
_pdbx_audit_revision_item.revision_ordinal 
_pdbx_audit_revision_item.data_content_type 
_pdbx_audit_revision_item.item 
1 2 'Structure model' '_citation.journal_volume'                 
2 2 'Structure model' '_citation.page_first'                     
3 3 'Structure model' '_pdbx_audit_support.funding_organization' 
4 4 'Structure model' '_database_2.pdbx_DOI'                     
5 4 'Structure model' '_database_2.pdbx_database_accession'      
# 
_pdbx_database_status.status_code                     REL 
_pdbx_database_status.status_code_sf                  REL 
_pdbx_database_status.status_code_mr                  ? 
_pdbx_database_status.entry_id                        6N7O 
_pdbx_database_status.recvd_initial_deposition_date   2018-11-27 
_pdbx_database_status.SG_entry                        N 
_pdbx_database_status.deposit_site                    RCSB 
_pdbx_database_status.process_site                    RCSB 
_pdbx_database_status.status_code_cs                  ? 
_pdbx_database_status.methods_development_category    ? 
_pdbx_database_status.pdb_format_compatible           Y 
_pdbx_database_status.status_code_nmr_data            ? 
# 
loop_
_audit_author.name 
_audit_author.pdbx_ordinal 
_audit_author.identifier_ORCID 
'Caveney, N.A.'     1 0000-0003-4828-3479 
'Strynadka, N.C.J.' 2 ?                   
# 
_citation.abstract                  ? 
_citation.abstract_id_CAS           ? 
_citation.book_id_ISBN              ? 
_citation.book_publisher            ? 
_citation.book_publisher_city       ? 
_citation.book_title                ? 
_citation.coordinate_linkage        ? 
_citation.country                   UK 
_citation.database_id_Medline       ? 
_citation.details                   ? 
_citation.id                        primary 
_citation.journal_abbrev            Structure 
_citation.journal_id_ASTM           STRUE6 
_citation.journal_id_CSD            2005 
_citation.journal_id_ISSN           0969-2126 
_citation.journal_full              ? 
_citation.journal_issue             ? 
_citation.journal_volume            27 
_citation.language                  ? 
_citation.page_first                1094 
_citation.page_last                 ? 
_citation.title                     'Structural Insights into Bacteriophage GIL01 gp7 Inhibition of Host LexA Repressor.' 
_citation.year                      2019 
_citation.database_id_CSD           ? 
_citation.pdbx_database_id_DOI      10.1016/j.str.2019.03.019 
_citation.pdbx_database_id_PubMed   31056420 
_citation.unpublished_flag          ? 
# 
loop_
_citation_author.citation_id 
_citation_author.name 
_citation_author.ordinal 
_citation_author.identifier_ORCID 
primary 'Caveney, N.A.'     1 ? 
primary 'Pavlin, A.'        2 ? 
primary 'Caballero, G.'     3 ? 
primary 'Bahun, M.'         4 ? 
primary 'Hodnik, V.'        5 ? 
primary 'de Castro, L.'     6 ? 
primary 'Fornelos, N.'      7 ? 
primary 'Butala, M.'        8 ? 
primary 'Strynadka, N.C.J.' 9 ? 
# 
loop_
_entity.id 
_entity.type 
_entity.src_method 
_entity.pdbx_description 
_entity.formula_weight 
_entity.pdbx_number_of_molecules 
_entity.pdbx_ec 
_entity.pdbx_mutation 
_entity.pdbx_fragment 
_entity.details 
1 polymer     man 'GIL01 gp7'  6074.929 2  ? ? ? ? 
2 non-polymer syn 'IODIDE ION' 126.904  3  ? ? ? ? 
3 water       nat water        18.015   71 ? ? ? ? 
# 
_entity_poly.entity_id                      1 
_entity_poly.type                           'polypeptide(L)' 
_entity_poly.nstd_linkage                   no 
_entity_poly.nstd_monomer                   no 
_entity_poly.pdbx_seq_one_letter_code       GSMRDKLLDFIIELSQSSKQVVSKSYVIDRLMQVTKEDYKELEKNVEGKKDD 
_entity_poly.pdbx_seq_one_letter_code_can   GSMRDKLLDFIIELSQSSKQVVSKSYVIDRLMQVTKEDYKELEKNVEGKKDD 
_entity_poly.pdbx_strand_id                 B,A 
_entity_poly.pdbx_target_identifier         ? 
# 
loop_
_pdbx_entity_nonpoly.entity_id 
_pdbx_entity_nonpoly.name 
_pdbx_entity_nonpoly.comp_id 
2 'IODIDE ION' IOD 
3 water        HOH 
# 
loop_
_entity_poly_seq.entity_id 
_entity_poly_seq.num 
_entity_poly_seq.mon_id 
_entity_poly_seq.hetero 
1 1  GLY n 
1 2  SER n 
1 3  MET n 
1 4  ARG n 
1 5  ASP n 
1 6  LYS n 
1 7  LEU n 
1 8  LEU n 
1 9  ASP n 
1 10 PHE n 
1 11 ILE n 
1 12 ILE n 
1 13 GLU n 
1 14 LEU n 
1 15 SER n 
1 16 GLN n 
1 17 SER n 
1 18 SER n 
1 19 LYS n 
1 20 GLN n 
1 21 VAL n 
1 22 VAL n 
1 23 SER n 
1 24 LYS n 
1 25 SER n 
1 26 TYR n 
1 27 VAL n 
1 28 ILE n 
1 29 ASP n 
1 30 ARG n 
1 31 LEU n 
1 32 MET n 
1 33 GLN n 
1 34 VAL n 
1 35 THR n 
1 36 LYS n 
1 37 GLU n 
1 38 ASP n 
1 39 TYR n 
1 40 LYS n 
1 41 GLU n 
1 42 LEU n 
1 43 GLU n 
1 44 LYS n 
1 45 ASN n 
1 46 VAL n 
1 47 GLU n 
1 48 GLY n 
1 49 LYS n 
1 50 LYS n 
1 51 ASP n 
1 52 ASP n 
# 
_entity_src_gen.entity_id                          1 
_entity_src_gen.pdbx_src_id                        1 
_entity_src_gen.pdbx_alt_source_flag               sample 
_entity_src_gen.pdbx_seq_type                      'Biological sequence' 
_entity_src_gen.pdbx_beg_seq_num                   1 
_entity_src_gen.pdbx_end_seq_num                   52 
_entity_src_gen.gene_src_common_name               ? 
_entity_src_gen.gene_src_genus                     ? 
_entity_src_gen.pdbx_gene_src_gene                 ? 
_entity_src_gen.gene_src_species                   ? 
_entity_src_gen.gene_src_strain                    ? 
_entity_src_gen.gene_src_tissue                    ? 
_entity_src_gen.gene_src_tissue_fraction           ? 
_entity_src_gen.gene_src_details                   ? 
_entity_src_gen.pdbx_gene_src_fragment             ? 
_entity_src_gen.pdbx_gene_src_scientific_name      'Bacillus phage pGIL01' 
_entity_src_gen.pdbx_gene_src_ncbi_taxonomy_id     1075161 
_entity_src_gen.pdbx_gene_src_variant              ? 
_entity_src_gen.pdbx_gene_src_cell_line            ? 
_entity_src_gen.pdbx_gene_src_atcc                 ? 
_entity_src_gen.pdbx_gene_src_organ                ? 
_entity_src_gen.pdbx_gene_src_organelle            ? 
_entity_src_gen.pdbx_gene_src_cell                 ? 
_entity_src_gen.pdbx_gene_src_cellular_location    ? 
_entity_src_gen.host_org_common_name               ? 
_entity_src_gen.pdbx_host_org_scientific_name      'Escherichia coli' 
_entity_src_gen.pdbx_host_org_ncbi_taxonomy_id     562 
_entity_src_gen.host_org_genus                     ? 
_entity_src_gen.pdbx_host_org_gene                 ? 
_entity_src_gen.pdbx_host_org_organ                ? 
_entity_src_gen.host_org_species                   ? 
_entity_src_gen.pdbx_host_org_tissue               ? 
_entity_src_gen.pdbx_host_org_tissue_fraction      ? 
_entity_src_gen.pdbx_host_org_strain               ? 
_entity_src_gen.pdbx_host_org_variant              ? 
_entity_src_gen.pdbx_host_org_cell_line            ? 
_entity_src_gen.pdbx_host_org_atcc                 ? 
_entity_src_gen.pdbx_host_org_culture_collection   ? 
_entity_src_gen.pdbx_host_org_cell                 ? 
_entity_src_gen.pdbx_host_org_organelle            ? 
_entity_src_gen.pdbx_host_org_cellular_location    ? 
_entity_src_gen.pdbx_host_org_vector_type          ? 
_entity_src_gen.pdbx_host_org_vector               ? 
_entity_src_gen.host_org_details                   ? 
_entity_src_gen.expression_system_id               ? 
_entity_src_gen.plasmid_name                       ? 
_entity_src_gen.plasmid_details                    ? 
_entity_src_gen.pdbx_description                   ? 
# 
loop_
_chem_comp.id 
_chem_comp.type 
_chem_comp.mon_nstd_flag 
_chem_comp.name 
_chem_comp.pdbx_synonyms 
_chem_comp.formula 
_chem_comp.formula_weight 
ARG 'L-peptide linking' y ARGININE        ? 'C6 H15 N4 O2 1' 175.209 
ASN 'L-peptide linking' y ASPARAGINE      ? 'C4 H8 N2 O3'    132.118 
ASP 'L-peptide linking' y 'ASPARTIC ACID' ? 'C4 H7 N O4'     133.103 
GLN 'L-peptide linking' y GLUTAMINE       ? 'C5 H10 N2 O3'   146.144 
GLU 'L-peptide linking' y 'GLUTAMIC ACID' ? 'C5 H9 N O4'     147.129 
GLY 'peptide linking'   y GLYCINE         ? 'C2 H5 N O2'     75.067  
HOH non-polymer         . WATER           ? 'H2 O'           18.015  
ILE 'L-peptide linking' y ISOLEUCINE      ? 'C6 H13 N O2'    131.173 
IOD non-polymer         . 'IODIDE ION'    ? 'I -1'           126.904 
LEU 'L-peptide linking' y LEUCINE         ? 'C6 H13 N O2'    131.173 
LYS 'L-peptide linking' y LYSINE          ? 'C6 H15 N2 O2 1' 147.195 
MET 'L-peptide linking' y METHIONINE      ? 'C5 H11 N O2 S'  149.211 
PHE 'L-peptide linking' y PHENYLALANINE   ? 'C9 H11 N O2'    165.189 
SER 'L-peptide linking' y SERINE          ? 'C3 H7 N O3'     105.093 
THR 'L-peptide linking' y THREONINE       ? 'C4 H9 N O3'     119.119 
TYR 'L-peptide linking' y TYROSINE        ? 'C9 H11 N O3'    181.189 
VAL 'L-peptide linking' y VALINE          ? 'C5 H11 N O2'    117.146 
# 
loop_
_pdbx_poly_seq_scheme.asym_id 
_pdbx_poly_seq_scheme.entity_id 
_pdbx_poly_seq_scheme.seq_id 
_pdbx_poly_seq_scheme.mon_id 
_pdbx_poly_seq_scheme.ndb_seq_num 
_pdbx_poly_seq_scheme.pdb_seq_num 
_pdbx_poly_seq_scheme.auth_seq_num 
_pdbx_poly_seq_scheme.pdb_mon_id 
_pdbx_poly_seq_scheme.auth_mon_id 
_pdbx_poly_seq_scheme.pdb_strand_id 
_pdbx_poly_seq_scheme.pdb_ins_code 
_pdbx_poly_seq_scheme.hetero 
A 1 1  GLY 1  -1 -1 GLY GLY B . n 
A 1 2  SER 2  0  0  SER SER B . n 
A 1 3  MET 3  1  1  MET MET B . n 
A 1 4  ARG 4  2  2  ARG ARG B . n 
A 1 5  ASP 5  3  3  ASP ASP B . n 
A 1 6  LYS 6  4  4  LYS LYS B . n 
A 1 7  LEU 7  5  5  LEU LEU B . n 
A 1 8  LEU 8  6  6  LEU LEU B . n 
A 1 9  ASP 9  7  7  ASP ASP B . n 
A 1 10 PHE 10 8  8  PHE PHE B . n 
A 1 11 ILE 11 9  9  ILE ILE B . n 
A 1 12 ILE 12 10 10 ILE ILE B . n 
A 1 13 GLU 13 11 11 GLU GLU B . n 
A 1 14 LEU 14 12 12 LEU LEU B . n 
A 1 15 SER 15 13 13 SER SER B . n 
A 1 16 GLN 16 14 14 GLN GLN B . n 
A 1 17 SER 17 15 15 SER SER B . n 
A 1 18 SER 18 16 16 SER SER B . n 
A 1 19 LYS 19 17 17 LYS LYS B . n 
A 1 20 GLN 20 18 18 GLN GLN B . n 
A 1 21 VAL 21 19 19 VAL VAL B . n 
A 1 22 VAL 22 20 20 VAL VAL B . n 
A 1 23 SER 23 21 21 SER SER B . n 
A 1 24 LYS 24 22 22 LYS LYS B . n 
A 1 25 SER 25 23 23 SER SER B . n 
A 1 26 TYR 26 24 24 TYR TYR B . n 
A 1 27 VAL 27 25 25 VAL VAL B . n 
A 1 28 ILE 28 26 26 ILE ILE B . n 
A 1 29 ASP 29 27 27 ASP ASP B . n 
A 1 30 ARG 30 28 28 ARG ARG B . n 
A 1 31 LEU 31 29 29 LEU LEU B . n 
A 1 32 MET 32 30 30 MET MET B . n 
A 1 33 GLN 33 31 31 GLN GLN B . n 
A 1 34 VAL 34 32 32 VAL VAL B . n 
A 1 35 THR 35 33 33 THR THR B . n 
A 1 36 LYS 36 34 34 LYS LYS B . n 
A 1 37 GLU 37 35 35 GLU GLU B . n 
A 1 38 ASP 38 36 36 ASP ASP B . n 
A 1 39 TYR 39 37 37 TYR TYR B . n 
A 1 40 LYS 40 38 ?  ?   ?   B . n 
A 1 41 GLU 41 39 ?  ?   ?   B . n 
A 1 42 LEU 42 40 ?  ?   ?   B . n 
A 1 43 GLU 43 41 ?  ?   ?   B . n 
A 1 44 LYS 44 42 ?  ?   ?   B . n 
A 1 45 ASN 45 43 ?  ?   ?   B . n 
A 1 46 VAL 46 44 ?  ?   ?   B . n 
A 1 47 GLU 47 45 ?  ?   ?   B . n 
A 1 48 GLY 48 46 ?  ?   ?   B . n 
A 1 49 LYS 49 47 ?  ?   ?   B . n 
A 1 50 LYS 50 48 ?  ?   ?   B . n 
A 1 51 ASP 51 49 ?  ?   ?   B . n 
A 1 52 ASP 52 50 ?  ?   ?   B . n 
B 1 1  GLY 1  -1 -1 GLY GLY A . n 
B 1 2  SER 2  0  0  SER SER A . n 
B 1 3  MET 3  1  1  MET MET A . n 
B 1 4  ARG 4  2  2  ARG ARG A . n 
B 1 5  ASP 5  3  3  ASP ASP A . n 
B 1 6  LYS 6  4  4  LYS LYS A . n 
B 1 7  LEU 7  5  5  LEU LEU A . n 
B 1 8  LEU 8  6  6  LEU LEU A . n 
B 1 9  ASP 9  7  7  ASP ASP A . n 
B 1 10 PHE 10 8  8  PHE PHE A . n 
B 1 11 ILE 11 9  9  ILE ILE A . n 
B 1 12 ILE 12 10 10 ILE ILE A . n 
B 1 13 GLU 13 11 11 GLU GLU A . n 
B 1 14 LEU 14 12 12 LEU LEU A . n 
B 1 15 SER 15 13 13 SER SER A . n 
B 1 16 GLN 16 14 14 GLN GLN A . n 
B 1 17 SER 17 15 15 SER SER A . n 
B 1 18 SER 18 16 16 SER SER A . n 
B 1 19 LYS 19 17 17 LYS LYS A . n 
B 1 20 GLN 20 18 18 GLN GLN A . n 
B 1 21 VAL 21 19 19 VAL VAL A . n 
B 1 22 VAL 22 20 20 VAL VAL A . n 
B 1 23 SER 23 21 21 SER SER A . n 
B 1 24 LYS 24 22 22 LYS LYS A . n 
B 1 25 SER 25 23 23 SER SER A . n 
B 1 26 TYR 26 24 24 TYR TYR A . n 
B 1 27 VAL 27 25 25 VAL VAL A . n 
B 1 28 ILE 28 26 26 ILE ILE A . n 
B 1 29 ASP 29 27 27 ASP ASP A . n 
B 1 30 ARG 30 28 28 ARG ARG A . n 
B 1 31 LEU 31 29 29 LEU LEU A . n 
B 1 32 MET 32 30 30 MET MET A . n 
B 1 33 GLN 33 31 31 GLN GLN A . n 
B 1 34 VAL 34 32 32 VAL VAL A . n 
B 1 35 THR 35 33 33 THR THR A . n 
B 1 36 LYS 36 34 34 LYS LYS A . n 
B 1 37 GLU 37 35 ?  ?   ?   A . n 
B 1 38 ASP 38 36 ?  ?   ?   A . n 
B 1 39 TYR 39 37 ?  ?   ?   A . n 
B 1 40 LYS 40 38 ?  ?   ?   A . n 
B 1 41 GLU 41 39 ?  ?   ?   A . n 
B 1 42 LEU 42 40 ?  ?   ?   A . n 
B 1 43 GLU 43 41 ?  ?   ?   A . n 
B 1 44 LYS 44 42 ?  ?   ?   A . n 
B 1 45 ASN 45 43 ?  ?   ?   A . n 
B 1 46 VAL 46 44 ?  ?   ?   A . n 
B 1 47 GLU 47 45 ?  ?   ?   A . n 
B 1 48 GLY 48 46 ?  ?   ?   A . n 
B 1 49 LYS 49 47 ?  ?   ?   A . n 
B 1 50 LYS 50 48 ?  ?   ?   A . n 
B 1 51 ASP 51 49 ?  ?   ?   A . n 
B 1 52 ASP 52 50 ?  ?   ?   A . n 
# 
loop_
_pdbx_nonpoly_scheme.asym_id 
_pdbx_nonpoly_scheme.entity_id 
_pdbx_nonpoly_scheme.mon_id 
_pdbx_nonpoly_scheme.ndb_seq_num 
_pdbx_nonpoly_scheme.pdb_seq_num 
_pdbx_nonpoly_scheme.auth_seq_num 
_pdbx_nonpoly_scheme.pdb_mon_id 
_pdbx_nonpoly_scheme.auth_mon_id 
_pdbx_nonpoly_scheme.pdb_strand_id 
_pdbx_nonpoly_scheme.pdb_ins_code 
C 2 IOD 1  101 12 IOD IOD B . 
D 2 IOD 1  101 10 IOD IOD A . 
E 2 IOD 1  102 11 IOD IOD A . 
F 3 HOH 1  201 16 HOH HOH B . 
F 3 HOH 2  202 55 HOH HOH B . 
F 3 HOH 3  203 49 HOH HOH B . 
F 3 HOH 4  204 45 HOH HOH B . 
F 3 HOH 5  205 8  HOH HOH B . 
F 3 HOH 6  206 53 HOH HOH B . 
F 3 HOH 7  207 39 HOH HOH B . 
F 3 HOH 8  208 11 HOH HOH B . 
F 3 HOH 9  209 33 HOH HOH B . 
F 3 HOH 10 210 27 HOH HOH B . 
F 3 HOH 11 211 35 HOH HOH B . 
F 3 HOH 12 212 5  HOH HOH B . 
F 3 HOH 13 213 37 HOH HOH B . 
F 3 HOH 14 214 36 HOH HOH B . 
F 3 HOH 15 215 57 HOH HOH B . 
F 3 HOH 16 216 2  HOH HOH B . 
F 3 HOH 17 217 23 HOH HOH B . 
F 3 HOH 18 218 41 HOH HOH B . 
F 3 HOH 19 219 18 HOH HOH B . 
F 3 HOH 20 220 4  HOH HOH B . 
F 3 HOH 21 221 19 HOH HOH B . 
F 3 HOH 22 222 10 HOH HOH B . 
F 3 HOH 23 223 26 HOH HOH B . 
F 3 HOH 24 224 1  HOH HOH B . 
F 3 HOH 25 225 9  HOH HOH B . 
F 3 HOH 26 226 68 HOH HOH B . 
F 3 HOH 27 227 44 HOH HOH B . 
F 3 HOH 28 228 42 HOH HOH B . 
F 3 HOH 29 229 6  HOH HOH B . 
F 3 HOH 30 230 28 HOH HOH B . 
F 3 HOH 31 231 52 HOH HOH B . 
F 3 HOH 32 232 54 HOH HOH B . 
F 3 HOH 33 233 69 HOH HOH B . 
F 3 HOH 34 234 29 HOH HOH B . 
F 3 HOH 35 235 13 HOH HOH B . 
F 3 HOH 36 236 34 HOH HOH B . 
F 3 HOH 37 237 50 HOH HOH B . 
F 3 HOH 38 238 14 HOH HOH B . 
F 3 HOH 39 239 40 HOH HOH B . 
F 3 HOH 40 240 74 HOH HOH B . 
G 3 HOH 1  201 59 HOH HOH A . 
G 3 HOH 2  202 61 HOH HOH A . 
G 3 HOH 3  203 3  HOH HOH A . 
G 3 HOH 4  204 75 HOH HOH A . 
G 3 HOH 5  205 12 HOH HOH A . 
G 3 HOH 6  206 62 HOH HOH A . 
G 3 HOH 7  207 15 HOH HOH A . 
G 3 HOH 8  208 64 HOH HOH A . 
G 3 HOH 9  209 30 HOH HOH A . 
G 3 HOH 10 210 47 HOH HOH A . 
G 3 HOH 11 211 38 HOH HOH A . 
G 3 HOH 12 212 7  HOH HOH A . 
G 3 HOH 13 213 25 HOH HOH A . 
G 3 HOH 14 214 22 HOH HOH A . 
G 3 HOH 15 215 67 HOH HOH A . 
G 3 HOH 16 216 43 HOH HOH A . 
G 3 HOH 17 217 17 HOH HOH A . 
G 3 HOH 18 218 20 HOH HOH A . 
G 3 HOH 19 219 32 HOH HOH A . 
G 3 HOH 20 220 46 HOH HOH A . 
G 3 HOH 21 221 21 HOH HOH A . 
G 3 HOH 22 222 48 HOH HOH A . 
G 3 HOH 23 223 24 HOH HOH A . 
G 3 HOH 24 224 65 HOH HOH A . 
G 3 HOH 25 225 31 HOH HOH A . 
G 3 HOH 26 226 60 HOH HOH A . 
G 3 HOH 27 227 58 HOH HOH A . 
G 3 HOH 28 228 56 HOH HOH A . 
G 3 HOH 29 229 63 HOH HOH A . 
G 3 HOH 30 230 70 HOH HOH A . 
G 3 HOH 31 231 72 HOH HOH A . 
# 
loop_
_software.citation_id 
_software.classification 
_software.compiler_name 
_software.compiler_version 
_software.contact_author 
_software.contact_author_email 
_software.date 
_software.description 
_software.dependencies 
_software.hardware 
_software.language 
_software.location 
_software.mods 
_software.name 
_software.os 
_software.os_version 
_software.type 
_software.version 
_software.pdbx_ordinal 
? refinement        ? ? ? ? ? ? ? ? ? ? ? PHENIX      ? ? ? .    1 
? 'data reduction'  ? ? ? ? ? ? ? ? ? ? ? XDS         ? ? ? .    2 
? 'data scaling'    ? ? ? ? ? ? ? ? ? ? ? XSCALE      ? ? ? .    3 
? phasing           ? ? ? ? ? ? ? ? ? ? ? PHASER      ? ? ? .    4 
? 'data extraction' ? ? ? ? ? ? ? ? ? ? ? PDB_EXTRACT ? ? ? 3.24 5 
# 
_cell.angle_alpha                  90.000 
_cell.angle_alpha_esd              ? 
_cell.angle_beta                   90.000 
_cell.angle_beta_esd               ? 
_cell.angle_gamma                  90.000 
_cell.angle_gamma_esd              ? 
_cell.entry_id                     6N7O 
_cell.details                      ? 
_cell.formula_units_Z              ? 
_cell.length_a                     39.690 
_cell.length_a_esd                 ? 
_cell.length_b                     44.700 
_cell.length_b_esd                 ? 
_cell.length_c                     46.300 
_cell.length_c_esd                 ? 
_cell.volume                       ? 
_cell.volume_esd                   ? 
_cell.Z_PDB                        8 
_cell.reciprocal_angle_alpha       ? 
_cell.reciprocal_angle_beta        ? 
_cell.reciprocal_angle_gamma       ? 
_cell.reciprocal_angle_alpha_esd   ? 
_cell.reciprocal_angle_beta_esd    ? 
_cell.reciprocal_angle_gamma_esd   ? 
_cell.reciprocal_length_a          ? 
_cell.reciprocal_length_b          ? 
_cell.reciprocal_length_c          ? 
_cell.reciprocal_length_a_esd      ? 
_cell.reciprocal_length_b_esd      ? 
_cell.reciprocal_length_c_esd      ? 
_cell.pdbx_unique_axis             ? 
# 
_symmetry.entry_id                         6N7O 
_symmetry.cell_setting                     ? 
_symmetry.Int_Tables_number                19 
_symmetry.space_group_name_Hall            ? 
_symmetry.space_group_name_H-M             'P 21 21 21' 
_symmetry.pdbx_full_space_group_name_H-M   ? 
# 
_exptl.absorpt_coefficient_mu     ? 
_exptl.absorpt_correction_T_max   ? 
_exptl.absorpt_correction_T_min   ? 
_exptl.absorpt_correction_type    ? 
_exptl.absorpt_process_details    ? 
_exptl.entry_id                   6N7O 
_exptl.crystals_number            1 
_exptl.details                    ? 
_exptl.method                     'X-RAY DIFFRACTION' 
_exptl.method_details             ? 
# 
_exptl_crystal.colour                      ? 
_exptl_crystal.density_diffrn              ? 
_exptl_crystal.density_Matthews            1.69 
_exptl_crystal.density_method              ? 
_exptl_crystal.density_percent_sol         27.2 
_exptl_crystal.description                 ? 
_exptl_crystal.F_000                       ? 
_exptl_crystal.id                          1 
_exptl_crystal.preparation                 ? 
_exptl_crystal.size_max                    ? 
_exptl_crystal.size_mid                    ? 
_exptl_crystal.size_min                    ? 
_exptl_crystal.size_rad                    ? 
_exptl_crystal.colour_lustre               ? 
_exptl_crystal.colour_modifier             ? 
_exptl_crystal.colour_primary              ? 
_exptl_crystal.density_meas                ? 
_exptl_crystal.density_meas_esd            ? 
_exptl_crystal.density_meas_gt             ? 
_exptl_crystal.density_meas_lt             ? 
_exptl_crystal.density_meas_temp           ? 
_exptl_crystal.density_meas_temp_esd       ? 
_exptl_crystal.density_meas_temp_gt        ? 
_exptl_crystal.density_meas_temp_lt        ? 
_exptl_crystal.pdbx_crystal_image_url      ? 
_exptl_crystal.pdbx_crystal_image_format   ? 
_exptl_crystal.pdbx_mosaicity              ? 
_exptl_crystal.pdbx_mosaicity_esd          ? 
# 
_exptl_crystal_grow.apparatus       ? 
_exptl_crystal_grow.atmosphere      ? 
_exptl_crystal_grow.crystal_id      1 
_exptl_crystal_grow.details         ? 
_exptl_crystal_grow.method          'VAPOR DIFFUSION, SITTING DROP' 
_exptl_crystal_grow.method_ref      ? 
_exptl_crystal_grow.pH              8.5 
_exptl_crystal_grow.pressure        ? 
_exptl_crystal_grow.pressure_esd    ? 
_exptl_crystal_grow.seeding         ? 
_exptl_crystal_grow.seeding_ref     ? 
_exptl_crystal_grow.temp            295.15 
_exptl_crystal_grow.temp_details    ? 
_exptl_crystal_grow.temp_esd        ? 
_exptl_crystal_grow.time            ? 
_exptl_crystal_grow.pdbx_details    '0.2 M sodium iodide, 0.1 M Bis Tris propane, pH 8.5, 20% (w/v) PEG 3.35k' 
_exptl_crystal_grow.pdbx_pH_range   ? 
# 
_diffrn.ambient_environment              ? 
_diffrn.ambient_temp                     85 
_diffrn.ambient_temp_details             ? 
_diffrn.ambient_temp_esd                 ? 
_diffrn.crystal_id                       1 
_diffrn.crystal_support                  ? 
_diffrn.crystal_treatment                ? 
_diffrn.details                          ? 
_diffrn.id                               1 
_diffrn.ambient_pressure                 ? 
_diffrn.ambient_pressure_esd             ? 
_diffrn.ambient_pressure_gt              ? 
_diffrn.ambient_pressure_lt              ? 
_diffrn.ambient_temp_gt                  ? 
_diffrn.ambient_temp_lt                  ? 
_diffrn.pdbx_serial_crystal_experiment   N 
# 
_diffrn_detector.details                      ? 
_diffrn_detector.detector                     CCD 
_diffrn_detector.diffrn_id                    1 
_diffrn_detector.type                         'RAYONIX MX300HE' 
_diffrn_detector.area_resol_mean              ? 
_diffrn_detector.dtime                        ? 
_diffrn_detector.pdbx_frames_total            ? 
_diffrn_detector.pdbx_collection_time_total   ? 
_diffrn_detector.pdbx_collection_date         2016-07-25 
_diffrn_detector.pdbx_frequency               ? 
# 
_diffrn_radiation.collimation                      ? 
_diffrn_radiation.diffrn_id                        1 
_diffrn_radiation.filter_edge                      ? 
_diffrn_radiation.inhomogeneity                    ? 
_diffrn_radiation.monochromator                    ? 
_diffrn_radiation.polarisn_norm                    ? 
_diffrn_radiation.polarisn_ratio                   ? 
_diffrn_radiation.probe                            ? 
_diffrn_radiation.type                             ? 
_diffrn_radiation.xray_symbol                      ? 
_diffrn_radiation.wavelength_id                    1 
_diffrn_radiation.pdbx_monochromatic_or_laue_m_l   M 
_diffrn_radiation.pdbx_wavelength_list             ? 
_diffrn_radiation.pdbx_wavelength                  ? 
_diffrn_radiation.pdbx_diffrn_protocol             'SINGLE WAVELENGTH' 
_diffrn_radiation.pdbx_analyzer                    ? 
_diffrn_radiation.pdbx_scattering_type             x-ray 
# 
_diffrn_radiation_wavelength.id           1 
_diffrn_radiation_wavelength.wavelength   .9801 
_diffrn_radiation_wavelength.wt           1.0 
# 
_diffrn_source.current                     ? 
_diffrn_source.details                     ? 
_diffrn_source.diffrn_id                   1 
_diffrn_source.power                       ? 
_diffrn_source.size                        ? 
_diffrn_source.source                      SYNCHROTRON 
_diffrn_source.target                      ? 
_diffrn_source.type                        'CLSI BEAMLINE 08B1-1' 
_diffrn_source.voltage                     ? 
_diffrn_source.take-off_angle              ? 
_diffrn_source.pdbx_wavelength_list        .9801 
_diffrn_source.pdbx_wavelength             ? 
_diffrn_source.pdbx_synchrotron_beamline   08B1-1 
_diffrn_source.pdbx_synchrotron_site       CLSI 
# 
_reflns.B_iso_Wilson_estimate            21.250 
_reflns.entry_id                         6N7O 
_reflns.data_reduction_details           ? 
_reflns.data_reduction_method            ? 
_reflns.d_resolution_high                1.470 
_reflns.d_resolution_low                 32.158 
_reflns.details                          ? 
_reflns.limit_h_max                      ? 
_reflns.limit_h_min                      ? 
_reflns.limit_k_max                      ? 
_reflns.limit_k_min                      ? 
_reflns.limit_l_max                      ? 
_reflns.limit_l_min                      ? 
_reflns.number_all                       ? 
_reflns.number_obs                       9511 
_reflns.observed_criterion               ? 
_reflns.observed_criterion_F_max         ? 
_reflns.observed_criterion_F_min         ? 
_reflns.observed_criterion_I_max         ? 
_reflns.observed_criterion_I_min         ? 
_reflns.observed_criterion_sigma_F       ? 
_reflns.observed_criterion_sigma_I       ? 
_reflns.percent_possible_obs             99.100 
_reflns.R_free_details                   ? 
_reflns.Rmerge_F_all                     ? 
_reflns.Rmerge_F_obs                     ? 
_reflns.Friedel_coverage                 ? 
_reflns.number_gt                        ? 
_reflns.threshold_expression             ? 
_reflns.pdbx_redundancy                  7.497 
_reflns.pdbx_Rmerge_I_obs                0.221 
_reflns.pdbx_Rmerge_I_all                ? 
_reflns.pdbx_Rsym_value                  ? 
_reflns.pdbx_netI_over_av_sigmaI         ? 
_reflns.pdbx_netI_over_sigmaI            7.240 
_reflns.pdbx_res_netI_over_av_sigmaI_2   ? 
_reflns.pdbx_res_netI_over_sigmaI_2      ? 
_reflns.pdbx_chi_squared                 0.970 
_reflns.pdbx_scaling_rejects             ? 
_reflns.pdbx_d_res_high_opt              ? 
_reflns.pdbx_d_res_low_opt               ? 
_reflns.pdbx_d_res_opt_method            ? 
_reflns.phase_calculation_details        ? 
_reflns.pdbx_Rrim_I_all                  0.237 
_reflns.pdbx_Rpim_I_all                  ? 
_reflns.pdbx_d_opt                       ? 
_reflns.pdbx_number_measured_all         108259 
_reflns.pdbx_diffrn_id                   1 
_reflns.pdbx_ordinal                     1 
_reflns.pdbx_CC_half                     0.995 
_reflns.pdbx_R_split                     ? 
# 
loop_
_reflns_shell.d_res_high 
_reflns_shell.d_res_low 
_reflns_shell.meanI_over_sigI_all 
_reflns_shell.meanI_over_sigI_obs 
_reflns_shell.number_measured_all 
_reflns_shell.number_measured_obs 
_reflns_shell.number_possible 
_reflns_shell.number_unique_all 
_reflns_shell.number_unique_obs 
_reflns_shell.percent_possible_all 
_reflns_shell.percent_possible_obs 
_reflns_shell.Rmerge_F_all 
_reflns_shell.Rmerge_F_obs 
_reflns_shell.Rmerge_I_all 
_reflns_shell.Rmerge_I_obs 
_reflns_shell.meanI_over_sigI_gt 
_reflns_shell.meanI_over_uI_all 
_reflns_shell.meanI_over_uI_gt 
_reflns_shell.number_measured_gt 
_reflns_shell.number_unique_gt 
_reflns_shell.percent_possible_gt 
_reflns_shell.Rmerge_F_gt 
_reflns_shell.Rmerge_I_gt 
_reflns_shell.pdbx_redundancy 
_reflns_shell.pdbx_Rsym_value 
_reflns_shell.pdbx_chi_squared 
_reflns_shell.pdbx_netI_over_sigmaI_all 
_reflns_shell.pdbx_netI_over_sigmaI_obs 
_reflns_shell.pdbx_Rrim_I_all 
_reflns_shell.pdbx_Rpim_I_all 
_reflns_shell.pdbx_rejects 
_reflns_shell.pdbx_ordinal 
_reflns_shell.pdbx_diffrn_id 
_reflns_shell.pdbx_CC_half 
_reflns_shell.pdbx_R_split 
1.470 1.510  ? 0.440  ? ? ? ? 956  91.400  ? ? ? ? 4.145 ? ? ? ? ? ? ? ? 5.613 ? ? ? ? 4.580 ? ? 1  1 0.154 ? 
1.510 1.550  ? 0.680  ? ? ? ? 1003 96.500  ? ? ? ? 3.107 ? ? ? ? ? ? ? ? 6.757 ? ? ? ? 3.371 ? ? 2  1 ?     ? 
1.550 1.590  ? 0.810  ? ? ? ? 998  100.000 ? ? ? ? 2.935 ? ? ? ? ? ? ? ? 8.005 ? ? ? ? 3.137 ? ? 3  1 0.220 ? 
1.590 1.640  ? 1.130  ? ? ? ? 987  100.000 ? ? ? ? 2.313 ? ? ? ? ? ? ? ? 8.121 ? ? ? ? 2.470 ? ? 4  1 0.291 ? 
1.640 1.700  ? 1.410  ? ? ? ? 941  100.000 ? ? ? ? 1.914 ? ? ? ? ? ? ? ? 8.063 ? ? ? ? 2.045 ? ? 5  1 0.515 ? 
1.700 1.760  ? 1.740  ? ? ? ? 909  100.000 ? ? ? ? 1.739 ? ? ? ? ? ? ? ? 8.040 ? ? ? ? 1.859 ? ? 6  1 0.539 ? 
1.760 1.820  ? 2.480  ? ? ? ? 877  100.000 ? ? ? ? 1.337 ? ? ? ? ? ? ? ? 7.944 ? ? ? ? 1.430 ? ? 7  1 0.763 ? 
1.820 1.900  ? 3.720  ? ? ? ? 872  100.000 ? ? ? ? 1.033 ? ? ? ? ? ? ? ? 7.901 ? ? ? ? 1.105 ? ? 8  1 0.878 ? 
1.900 1.980  ? 5.200  ? ? ? ? 808  100.000 ? ? ? ? 0.792 ? ? ? ? ? ? ? ? 7.906 ? ? ? ? 0.847 ? ? 9  1 0.905 ? 
1.980 2.080  ? 7.140  ? ? ? ? 795  100.000 ? ? ? ? 0.634 ? ? ? ? ? ? ? ? 7.857 ? ? ? ? 0.679 ? ? 10 1 0.926 ? 
2.080 2.190  ? 9.480  ? ? ? ? 745  100.000 ? ? ? ? 0.443 ? ? ? ? ? ? ? ? 7.766 ? ? ? ? 0.475 ? ? 11 1 0.949 ? 
2.190 2.320  ? 11.760 ? ? ? ? 725  100.000 ? ? ? ? 0.328 ? ? ? ? ? ? ? ? 7.548 ? ? ? ? 0.352 ? ? 12 1 0.973 ? 
2.320 2.480  ? 12.890 ? ? ? ? 672  100.000 ? ? ? ? 0.279 ? ? ? ? ? ? ? ? 7.551 ? ? ? ? 0.300 ? ? 13 1 0.982 ? 
2.480 2.680  ? 15.010 ? ? ? ? 622  99.800  ? ? ? ? 0.210 ? ? ? ? ? ? ? ? 7.492 ? ? ? ? 0.226 ? ? 14 1 0.981 ? 
2.680 2.940  ? 16.240 ? ? ? ? 583  100.000 ? ? ? ? 0.162 ? ? ? ? ? ? ? ? 7.358 ? ? ? ? 0.174 ? ? 15 1 0.989 ? 
2.940 3.290  ? 18.160 ? ? ? ? 539  100.000 ? ? ? ? 0.123 ? ? ? ? ? ? ? ? 7.243 ? ? ? ? 0.133 ? ? 16 1 0.991 ? 
3.290 3.800  ? 21.070 ? ? ? ? 476  99.800  ? ? ? ? 0.084 ? ? ? ? ? ? ? ? 6.882 ? ? ? ? 0.091 ? ? 17 1 0.995 ? 
3.800 4.650  ? 22.470 ? ? ? ? 407  99.800  ? ? ? ? 0.080 ? ? ? ? ? ? ? ? 6.818 ? ? ? ? 0.086 ? ? 18 1 0.993 ? 
4.650 6.570  ? 21.390 ? ? ? ? 325  99.400  ? ? ? ? 0.079 ? ? ? ? ? ? ? ? 6.935 ? ? ? ? 0.085 ? ? 19 1 0.992 ? 
6.570 32.158 ? 21.640 ? ? ? ? 200  100.000 ? ? ? ? 0.067 ? ? ? ? ? ? ? ? 6.175 ? ? ? ? 0.073 ? ? 20 1 0.997 ? 
# 
_refine.aniso_B[1][1]                            ? 
_refine.aniso_B[1][2]                            ? 
_refine.aniso_B[1][3]                            ? 
_refine.aniso_B[2][2]                            ? 
_refine.aniso_B[2][3]                            ? 
_refine.aniso_B[3][3]                            ? 
_refine.B_iso_max                                80.410 
_refine.B_iso_mean                               27.3025 
_refine.B_iso_min                                13.470 
_refine.correlation_coeff_Fo_to_Fc               ? 
_refine.correlation_coeff_Fo_to_Fc_free          ? 
_refine.details                                  ? 
_refine.diff_density_max                         ? 
_refine.diff_density_max_esd                     ? 
_refine.diff_density_min                         ? 
_refine.diff_density_min_esd                     ? 
_refine.diff_density_rms                         ? 
_refine.diff_density_rms_esd                     ? 
_refine.entry_id                                 6N7O 
_refine.pdbx_refine_id                           'X-RAY DIFFRACTION' 
_refine.ls_abs_structure_details                 ? 
_refine.ls_abs_structure_Flack                   ? 
_refine.ls_abs_structure_Flack_esd               ? 
_refine.ls_abs_structure_Rogers                  ? 
_refine.ls_abs_structure_Rogers_esd              ? 
_refine.ls_d_res_high                            1.7000 
_refine.ls_d_res_low                             32.1580 
_refine.ls_extinction_coef                       ? 
_refine.ls_extinction_coef_esd                   ? 
_refine.ls_extinction_expression                 ? 
_refine.ls_extinction_method                     ? 
_refine.ls_goodness_of_fit_all                   ? 
_refine.ls_goodness_of_fit_all_esd               ? 
_refine.ls_goodness_of_fit_obs                   ? 
_refine.ls_goodness_of_fit_obs_esd               ? 
_refine.ls_hydrogen_treatment                    ? 
_refine.ls_matrix_type                           ? 
_refine.ls_number_constraints                    ? 
_refine.ls_number_parameters                     ? 
_refine.ls_number_reflns_all                     ? 
_refine.ls_number_reflns_obs                     9508 
_refine.ls_number_reflns_R_free                  476 
_refine.ls_number_reflns_R_work                  ? 
_refine.ls_number_restraints                     ? 
_refine.ls_percent_reflns_obs                    99.9200 
_refine.ls_percent_reflns_R_free                 5.0100 
_refine.ls_R_factor_all                          ? 
_refine.ls_R_factor_obs                          0.1951 
_refine.ls_R_factor_R_free                       0.2297 
_refine.ls_R_factor_R_free_error                 ? 
_refine.ls_R_factor_R_free_error_details         ? 
_refine.ls_R_factor_R_work                       0.1933 
_refine.ls_R_Fsqd_factor_obs                     ? 
_refine.ls_R_I_factor_obs                        ? 
_refine.ls_redundancy_reflns_all                 ? 
_refine.ls_redundancy_reflns_obs                 ? 
_refine.ls_restrained_S_all                      ? 
_refine.ls_restrained_S_obs                      ? 
_refine.ls_shift_over_esd_max                    ? 
_refine.ls_shift_over_esd_mean                   ? 
_refine.ls_structure_factor_coef                 ? 
_refine.ls_weighting_details                     ? 
_refine.ls_weighting_scheme                      ? 
_refine.ls_wR_factor_all                         ? 
_refine.ls_wR_factor_obs                         ? 
_refine.ls_wR_factor_R_free                      ? 
_refine.ls_wR_factor_R_work                      ? 
_refine.occupancy_max                            ? 
_refine.occupancy_min                            ? 
_refine.solvent_model_details                    ? 
_refine.solvent_model_param_bsol                 ? 
_refine.solvent_model_param_ksol                 ? 
_refine.ls_R_factor_gt                           ? 
_refine.ls_goodness_of_fit_gt                    ? 
_refine.ls_goodness_of_fit_ref                   ? 
_refine.ls_shift_over_su_max                     ? 
_refine.ls_shift_over_su_max_lt                  ? 
_refine.ls_shift_over_su_mean                    ? 
_refine.ls_shift_over_su_mean_lt                 ? 
_refine.pdbx_ls_sigma_I                          ? 
_refine.pdbx_ls_sigma_F                          1.370 
_refine.pdbx_ls_sigma_Fsqd                       ? 
_refine.pdbx_data_cutoff_high_absF               ? 
_refine.pdbx_data_cutoff_high_rms_absF           ? 
_refine.pdbx_data_cutoff_low_absF                ? 
_refine.pdbx_isotropic_thermal_model             ? 
_refine.pdbx_ls_cross_valid_method               THROUGHOUT 
_refine.pdbx_method_to_determine_struct          'MOLECULAR REPLACEMENT' 
_refine.pdbx_starting_model                      ? 
_refine.pdbx_stereochemistry_target_values       ? 
_refine.pdbx_R_Free_selection_details            ? 
_refine.pdbx_stereochem_target_val_spec_case     ? 
_refine.pdbx_overall_ESU_R                       ? 
_refine.pdbx_overall_ESU_R_Free                  ? 
_refine.pdbx_solvent_vdw_probe_radii             1.1100 
_refine.pdbx_solvent_ion_probe_radii             ? 
_refine.pdbx_solvent_shrinkage_radii             0.9000 
_refine.pdbx_real_space_R                        ? 
_refine.pdbx_density_correlation                 ? 
_refine.pdbx_pd_number_of_powder_patterns        ? 
_refine.pdbx_pd_number_of_points                 ? 
_refine.pdbx_pd_meas_number_of_points            ? 
_refine.pdbx_pd_proc_ls_prof_R_factor            ? 
_refine.pdbx_pd_proc_ls_prof_wR_factor           ? 
_refine.pdbx_pd_Marquardt_correlation_coeff      ? 
_refine.pdbx_pd_Fsqrd_R_factor                   ? 
_refine.pdbx_pd_ls_matrix_band_width             ? 
_refine.pdbx_overall_phase_error                 24.8600 
_refine.pdbx_overall_SU_R_free_Cruickshank_DPI   ? 
_refine.pdbx_overall_SU_R_free_Blow_DPI          ? 
_refine.pdbx_overall_SU_R_Blow_DPI               ? 
_refine.pdbx_TLS_residual_ADP_flag               ? 
_refine.pdbx_diffrn_id                           1 
_refine.overall_SU_B                             ? 
_refine.overall_SU_ML                            0.1700 
_refine.overall_SU_R_Cruickshank_DPI             ? 
_refine.overall_SU_R_free                        ? 
_refine.overall_FOM_free_R_set                   ? 
_refine.overall_FOM_work_R_set                   ? 
_refine.pdbx_average_fsc_overall                 ? 
_refine.pdbx_average_fsc_work                    ? 
_refine.pdbx_average_fsc_free                    ? 
# 
_refine_hist.cycle_id                         final 
_refine_hist.pdbx_refine_id                   'X-RAY DIFFRACTION' 
_refine_hist.d_res_high                       1.7000 
_refine_hist.d_res_low                        32.1580 
_refine_hist.pdbx_number_atoms_ligand         3 
_refine_hist.number_atoms_solvent             71 
_refine_hist.number_atoms_total               679 
_refine_hist.pdbx_number_residues_total       75 
_refine_hist.pdbx_B_iso_mean_ligand           31.50 
_refine_hist.pdbx_B_iso_mean_solvent          36.83 
_refine_hist.pdbx_number_atoms_protein        605 
_refine_hist.pdbx_number_atoms_nucleic_acid   0 
# 
loop_
_refine_ls_restr.pdbx_refine_id 
_refine_ls_restr.criterion 
_refine_ls_restr.dev_ideal 
_refine_ls_restr.dev_ideal_target 
_refine_ls_restr.number 
_refine_ls_restr.rejects 
_refine_ls_restr.type 
_refine_ls_restr.weight 
_refine_ls_restr.pdbx_restraint_function 
'X-RAY DIFFRACTION' ? 0.006  ? 667 ? f_bond_d           ? ? 
'X-RAY DIFFRACTION' ? 0.678  ? 901 ? f_angle_d          ? ? 
'X-RAY DIFFRACTION' ? 0.039  ? 106 ? f_chiral_restr     ? ? 
'X-RAY DIFFRACTION' ? 0.003  ? 113 ? f_plane_restr      ? ? 
'X-RAY DIFFRACTION' ? 18.177 ? 277 ? f_dihedral_angle_d ? ? 
# 
loop_
_refine_ls_shell.pdbx_refine_id 
_refine_ls_shell.d_res_high 
_refine_ls_shell.d_res_low 
_refine_ls_shell.number_reflns_all 
_refine_ls_shell.number_reflns_obs 
_refine_ls_shell.number_reflns_R_free 
_refine_ls_shell.number_reflns_R_work 
_refine_ls_shell.percent_reflns_obs 
_refine_ls_shell.percent_reflns_R_free 
_refine_ls_shell.R_factor_all 
_refine_ls_shell.R_factor_obs 
_refine_ls_shell.R_factor_R_free 
_refine_ls_shell.R_factor_R_free_error 
_refine_ls_shell.R_factor_R_work 
_refine_ls_shell.redundancy_reflns_all 
_refine_ls_shell.redundancy_reflns_obs 
_refine_ls_shell.wR_factor_all 
_refine_ls_shell.wR_factor_obs 
_refine_ls_shell.wR_factor_R_free 
_refine_ls_shell.wR_factor_R_work 
_refine_ls_shell.pdbx_total_number_of_bins_used 
_refine_ls_shell.pdbx_phase_error 
_refine_ls_shell.pdbx_fsc_work 
_refine_ls_shell.pdbx_fsc_free 
'X-RAY DIFFRACTION' 1.7000 1.9460  3104 . 155 2949 100.0000 . . . 0.3082 0.0000 0.2691 . . . . . . 3 . . . 
'X-RAY DIFFRACTION' 1.9460 2.4516  3138 . 157 2981 100.0000 . . . 0.2300 0.0000 0.2046 . . . . . . 3 . . . 
'X-RAY DIFFRACTION' 2.4516 32.1642 3266 . 164 3102 100.0000 . . . 0.2105 0.0000 0.1727 . . . . . . 3 . . . 
# 
_struct.entry_id                     6N7O 
_struct.title                        'Crystal structure of GIL01 gp7' 
_struct.pdbx_model_details           ? 
_struct.pdbx_formula_weight          ? 
_struct.pdbx_formula_weight_method   ? 
_struct.pdbx_model_type_details      ? 
_struct.pdbx_CASP_flag               N 
# 
_struct_keywords.entry_id        6N7O 
_struct_keywords.text            'viral protein' 
_struct_keywords.pdbx_keywords   'VIRAL PROTEIN' 
# 
loop_
_struct_asym.id 
_struct_asym.pdbx_blank_PDB_chainid_flag 
_struct_asym.pdbx_modified 
_struct_asym.entity_id 
_struct_asym.details 
A N N 1 ? 
B N N 1 ? 
C N N 2 ? 
D N N 2 ? 
E N N 2 ? 
F N N 3 ? 
G N N 3 ? 
# 
_struct_ref.id                         1 
_struct_ref.db_name                    UNP 
_struct_ref.db_code                    Q7WSG2_9VIRU 
_struct_ref.pdbx_db_accession          Q7WSG2 
_struct_ref.pdbx_db_isoform            ? 
_struct_ref.entity_id                  1 
_struct_ref.pdbx_seq_one_letter_code   MRDKLLDFIIELSQSSKQVVSKSYVIDRLMQVTKEDYKELEKNVEGKKDD 
_struct_ref.pdbx_align_begin           1 
# 
loop_
_struct_ref_seq.align_id 
_struct_ref_seq.ref_id 
_struct_ref_seq.pdbx_PDB_id_code 
_struct_ref_seq.pdbx_strand_id 
_struct_ref_seq.seq_align_beg 
_struct_ref_seq.pdbx_seq_align_beg_ins_code 
_struct_ref_seq.seq_align_end 
_struct_ref_seq.pdbx_seq_align_end_ins_code 
_struct_ref_seq.pdbx_db_accession 
_struct_ref_seq.db_align_beg 
_struct_ref_seq.pdbx_db_align_beg_ins_code 
_struct_ref_seq.db_align_end 
_struct_ref_seq.pdbx_db_align_end_ins_code 
_struct_ref_seq.pdbx_auth_seq_align_beg 
_struct_ref_seq.pdbx_auth_seq_align_end 
1 1 6N7O B 3 ? 52 ? Q7WSG2 1 ? 50 ? 1 50 
2 1 6N7O A 3 ? 52 ? Q7WSG2 1 ? 50 ? 1 50 
# 
loop_
_struct_ref_seq_dif.align_id 
_struct_ref_seq_dif.pdbx_pdb_id_code 
_struct_ref_seq_dif.mon_id 
_struct_ref_seq_dif.pdbx_pdb_strand_id 
_struct_ref_seq_dif.seq_num 
_struct_ref_seq_dif.pdbx_pdb_ins_code 
_struct_ref_seq_dif.pdbx_seq_db_name 
_struct_ref_seq_dif.pdbx_seq_db_accession_code 
_struct_ref_seq_dif.db_mon_id 
_struct_ref_seq_dif.pdbx_seq_db_seq_num 
_struct_ref_seq_dif.details 
_struct_ref_seq_dif.pdbx_auth_seq_num 
_struct_ref_seq_dif.pdbx_ordinal 
1 6N7O GLY B 1 ? UNP Q7WSG2 ? ? 'expression tag' -1 1 
1 6N7O SER B 2 ? UNP Q7WSG2 ? ? 'expression tag' 0  2 
2 6N7O GLY A 1 ? UNP Q7WSG2 ? ? 'expression tag' -1 3 
2 6N7O SER A 2 ? UNP Q7WSG2 ? ? 'expression tag' 0  4 
# 
_pdbx_struct_assembly.id                   1 
_pdbx_struct_assembly.details              author_and_software_defined_assembly 
_pdbx_struct_assembly.method_details       PISA 
_pdbx_struct_assembly.oligomeric_details   dimeric 
_pdbx_struct_assembly.oligomeric_count     2 
# 
loop_
_pdbx_struct_assembly_prop.biol_id 
_pdbx_struct_assembly_prop.type 
_pdbx_struct_assembly_prop.value 
_pdbx_struct_assembly_prop.details 
1 'ABSA (A^2)' 2130 ? 
1 MORE         -17  ? 
1 'SSA (A^2)'  5180 ? 
# 
_pdbx_struct_assembly_gen.assembly_id       1 
_pdbx_struct_assembly_gen.oper_expression   1 
_pdbx_struct_assembly_gen.asym_id_list      A,B,C,D,E,F,G 
# 
_pdbx_struct_assembly_auth_evidence.id                     1 
_pdbx_struct_assembly_auth_evidence.assembly_id            1 
_pdbx_struct_assembly_auth_evidence.experimental_support   none 
_pdbx_struct_assembly_auth_evidence.details                ? 
# 
_pdbx_struct_oper_list.id                   1 
_pdbx_struct_oper_list.type                 'identity operation' 
_pdbx_struct_oper_list.name                 1_555 
_pdbx_struct_oper_list.symmetry_operation   x,y,z 
_pdbx_struct_oper_list.matrix[1][1]         1.0000000000 
_pdbx_struct_oper_list.matrix[1][2]         0.0000000000 
_pdbx_struct_oper_list.matrix[1][3]         0.0000000000 
_pdbx_struct_oper_list.vector[1]            0.0000000000 
_pdbx_struct_oper_list.matrix[2][1]         0.0000000000 
_pdbx_struct_oper_list.matrix[2][2]         1.0000000000 
_pdbx_struct_oper_list.matrix[2][3]         0.0000000000 
_pdbx_struct_oper_list.vector[2]            0.0000000000 
_pdbx_struct_oper_list.matrix[3][1]         0.0000000000 
_pdbx_struct_oper_list.matrix[3][2]         0.0000000000 
_pdbx_struct_oper_list.matrix[3][3]         1.0000000000 
_pdbx_struct_oper_list.vector[3]            0.0000000000 
# 
loop_
_struct_conf.conf_type_id 
_struct_conf.id 
_struct_conf.pdbx_PDB_helix_id 
_struct_conf.beg_label_comp_id 
_struct_conf.beg_label_asym_id 
_struct_conf.beg_label_seq_id 
_struct_conf.pdbx_beg_PDB_ins_code 
_struct_conf.end_label_comp_id 
_struct_conf.end_label_asym_id 
_struct_conf.end_label_seq_id 
_struct_conf.pdbx_end_PDB_ins_code 
_struct_conf.beg_auth_comp_id 
_struct_conf.beg_auth_asym_id 
_struct_conf.beg_auth_seq_id 
_struct_conf.end_auth_comp_id 
_struct_conf.end_auth_asym_id 
_struct_conf.end_auth_seq_id 
_struct_conf.pdbx_PDB_helix_class 
_struct_conf.details 
_struct_conf.pdbx_PDB_helix_length 
HELX_P HELX_P1 AA1 GLY A 1  ? SER A 17 ? GLY B -1 SER B 15 1 ? 17 
HELX_P HELX_P2 AA2 LYS A 24 ? THR A 35 ? LYS B 22 THR B 33 1 ? 12 
HELX_P HELX_P3 AA3 SER B 2  ? SER B 17 ? SER A 0  SER A 15 1 ? 16 
HELX_P HELX_P4 AA4 LYS B 24 ? THR B 35 ? LYS A 22 THR A 33 1 ? 12 
# 
_struct_conf_type.id          HELX_P 
_struct_conf_type.criteria    ? 
_struct_conf_type.reference   ? 
# 
_struct_sheet.id               AA1 
_struct_sheet.type             ? 
_struct_sheet.number_strands   2 
_struct_sheet.details          ? 
# 
_struct_sheet_order.sheet_id     AA1 
_struct_sheet_order.range_id_1   1 
_struct_sheet_order.range_id_2   2 
_struct_sheet_order.offset       ? 
_struct_sheet_order.sense        anti-parallel 
# 
loop_
_struct_sheet_range.sheet_id 
_struct_sheet_range.id 
_struct_sheet_range.beg_label_comp_id 
_struct_sheet_range.beg_label_asym_id 
_struct_sheet_range.beg_label_seq_id 
_struct_sheet_range.pdbx_beg_PDB_ins_code 
_struct_sheet_range.end_label_comp_id 
_struct_sheet_range.end_label_asym_id 
_struct_sheet_range.end_label_seq_id 
_struct_sheet_range.pdbx_end_PDB_ins_code 
_struct_sheet_range.beg_auth_comp_id 
_struct_sheet_range.beg_auth_asym_id 
_struct_sheet_range.beg_auth_seq_id 
_struct_sheet_range.end_auth_comp_id 
_struct_sheet_range.end_auth_asym_id 
_struct_sheet_range.end_auth_seq_id 
AA1 1 VAL A 21 ? SER A 23 ? VAL B 19 SER B 21 
AA1 2 VAL B 21 ? SER B 23 ? VAL A 19 SER A 21 
# 
_pdbx_struct_sheet_hbond.sheet_id                AA1 
_pdbx_struct_sheet_hbond.range_id_1              1 
_pdbx_struct_sheet_hbond.range_id_2              2 
_pdbx_struct_sheet_hbond.range_1_label_atom_id   N 
_pdbx_struct_sheet_hbond.range_1_label_comp_id   VAL 
_pdbx_struct_sheet_hbond.range_1_label_asym_id   A 
_pdbx_struct_sheet_hbond.range_1_label_seq_id    22 
_pdbx_struct_sheet_hbond.range_1_PDB_ins_code    ? 
_pdbx_struct_sheet_hbond.range_1_auth_atom_id    N 
_pdbx_struct_sheet_hbond.range_1_auth_comp_id    VAL 
_pdbx_struct_sheet_hbond.range_1_auth_asym_id    B 
_pdbx_struct_sheet_hbond.range_1_auth_seq_id     20 
_pdbx_struct_sheet_hbond.range_2_label_atom_id   O 
_pdbx_struct_sheet_hbond.range_2_label_comp_id   VAL 
_pdbx_struct_sheet_hbond.range_2_label_asym_id   B 
_pdbx_struct_sheet_hbond.range_2_label_seq_id    22 
_pdbx_struct_sheet_hbond.range_2_PDB_ins_code    ? 
_pdbx_struct_sheet_hbond.range_2_auth_atom_id    O 
_pdbx_struct_sheet_hbond.range_2_auth_comp_id    VAL 
_pdbx_struct_sheet_hbond.range_2_auth_asym_id    A 
_pdbx_struct_sheet_hbond.range_2_auth_seq_id     20 
# 
loop_
_struct_site.id 
_struct_site.pdbx_evidence_code 
_struct_site.pdbx_auth_asym_id 
_struct_site.pdbx_auth_comp_id 
_struct_site.pdbx_auth_seq_id 
_struct_site.pdbx_auth_ins_code 
_struct_site.pdbx_num_residues 
_struct_site.details 
AC1 Software B IOD 101 ? 2 'binding site for residue IOD B 101' 
AC2 Software A IOD 101 ? 2 'binding site for residue IOD A 101' 
AC3 Software A IOD 102 ? 1 'binding site for residue IOD A 102' 
# 
loop_
_struct_site_gen.id 
_struct_site_gen.site_id 
_struct_site_gen.pdbx_num_res 
_struct_site_gen.label_comp_id 
_struct_site_gen.label_asym_id 
_struct_site_gen.label_seq_id 
_struct_site_gen.pdbx_auth_ins_code 
_struct_site_gen.auth_comp_id 
_struct_site_gen.auth_asym_id 
_struct_site_gen.auth_seq_id 
_struct_site_gen.label_atom_id 
_struct_site_gen.label_alt_id 
_struct_site_gen.symmetry 
_struct_site_gen.details 
1 AC1 2 GLN A 20 ? GLN B 18  . ? 4_557 ? 
2 AC1 2 HOH F .  ? HOH B 227 . ? 4_557 ? 
3 AC2 2 LYS B 19 ? LYS A 17  . ? 1_555 ? 
4 AC2 2 SER B 23 ? SER A 21  . ? 1_555 ? 
5 AC3 1 LYS B 19 ? LYS A 17  . ? 1_555 ? 
# 
_phasing.method   MR 
# 
loop_
_pdbx_unobs_or_zero_occ_residues.id 
_pdbx_unobs_or_zero_occ_residues.PDB_model_num 
_pdbx_unobs_or_zero_occ_residues.polymer_flag 
_pdbx_unobs_or_zero_occ_residues.occupancy_flag 
_pdbx_unobs_or_zero_occ_residues.auth_asym_id 
_pdbx_unobs_or_zero_occ_residues.auth_comp_id 
_pdbx_unobs_or_zero_occ_residues.auth_seq_id 
_pdbx_unobs_or_zero_occ_residues.PDB_ins_code 
_pdbx_unobs_or_zero_occ_residues.label_asym_id 
_pdbx_unobs_or_zero_occ_residues.label_comp_id 
_pdbx_unobs_or_zero_occ_residues.label_seq_id 
1  1 Y 1 B LYS 38 ? A LYS 40 
2  1 Y 1 B GLU 39 ? A GLU 41 
3  1 Y 1 B LEU 40 ? A LEU 42 
4  1 Y 1 B GLU 41 ? A GLU 43 
5  1 Y 1 B LYS 42 ? A LYS 44 
6  1 Y 1 B ASN 43 ? A ASN 45 
7  1 Y 1 B VAL 44 ? A VAL 46 
8  1 Y 1 B GLU 45 ? A GLU 47 
9  1 Y 1 B GLY 46 ? A GLY 48 
10 1 Y 1 B LYS 47 ? A LYS 49 
11 1 Y 1 B LYS 48 ? A LYS 50 
12 1 Y 1 B ASP 49 ? A ASP 51 
13 1 Y 1 B ASP 50 ? A ASP 52 
14 1 Y 1 A GLU 35 ? B GLU 37 
15 1 Y 1 A ASP 36 ? B ASP 38 
16 1 Y 1 A TYR 37 ? B TYR 39 
17 1 Y 1 A LYS 38 ? B LYS 40 
18 1 Y 1 A GLU 39 ? B GLU 41 
19 1 Y 1 A LEU 40 ? B LEU 42 
20 1 Y 1 A GLU 41 ? B GLU 43 
21 1 Y 1 A LYS 42 ? B LYS 44 
22 1 Y 1 A ASN 43 ? B ASN 45 
23 1 Y 1 A VAL 44 ? B VAL 46 
24 1 Y 1 A GLU 45 ? B GLU 47 
25 1 Y 1 A GLY 46 ? B GLY 48 
26 1 Y 1 A LYS 47 ? B LYS 49 
27 1 Y 1 A LYS 48 ? B LYS 50 
28 1 Y 1 A ASP 49 ? B ASP 51 
29 1 Y 1 A ASP 50 ? B ASP 52 
# 
loop_
_chem_comp_atom.comp_id 
_chem_comp_atom.atom_id 
_chem_comp_atom.type_symbol 
_chem_comp_atom.pdbx_aromatic_flag 
_chem_comp_atom.pdbx_stereo_config 
_chem_comp_atom.pdbx_ordinal 
ARG N    N N N 1   
ARG CA   C N S 2   
ARG C    C N N 3   
ARG O    O N N 4   
ARG CB   C N N 5   
ARG CG   C N N 6   
ARG CD   C N N 7   
ARG NE   N N N 8   
ARG CZ   C N N 9   
ARG NH1  N N N 10  
ARG NH2  N N N 11  
ARG OXT  O N N 12  
ARG H    H N N 13  
ARG H2   H N N 14  
ARG HA   H N N 15  
ARG HB2  H N N 16  
ARG HB3  H N N 17  
ARG HG2  H N N 18  
ARG HG3  H N N 19  
ARG HD2  H N N 20  
ARG HD3  H N N 21  
ARG HE   H N N 22  
ARG HH11 H N N 23  
ARG HH12 H N N 24  
ARG HH21 H N N 25  
ARG HH22 H N N 26  
ARG HXT  H N N 27  
ASN N    N N N 28  
ASN CA   C N S 29  
ASN C    C N N 30  
ASN O    O N N 31  
ASN CB   C N N 32  
ASN CG   C N N 33  
ASN OD1  O N N 34  
ASN ND2  N N N 35  
ASN OXT  O N N 36  
ASN H    H N N 37  
ASN H2   H N N 38  
ASN HA   H N N 39  
ASN HB2  H N N 40  
ASN HB3  H N N 41  
ASN HD21 H N N 42  
ASN HD22 H N N 43  
ASN HXT  H N N 44  
ASP N    N N N 45  
ASP CA   C N S 46  
ASP C    C N N 47  
ASP O    O N N 48  
ASP CB   C N N 49  
ASP CG   C N N 50  
ASP OD1  O N N 51  
ASP OD2  O N N 52  
ASP OXT  O N N 53  
ASP H    H N N 54  
ASP H2   H N N 55  
ASP HA   H N N 56  
ASP HB2  H N N 57  
ASP HB3  H N N 58  
ASP HD2  H N N 59  
ASP HXT  H N N 60  
GLN N    N N N 61  
GLN CA   C N S 62  
GLN C    C N N 63  
GLN O    O N N 64  
GLN CB   C N N 65  
GLN CG   C N N 66  
GLN CD   C N N 67  
GLN OE1  O N N 68  
GLN NE2  N N N 69  
GLN OXT  O N N 70  
GLN H    H N N 71  
GLN H2   H N N 72  
GLN HA   H N N 73  
GLN HB2  H N N 74  
GLN HB3  H N N 75  
GLN HG2  H N N 76  
GLN HG3  H N N 77  
GLN HE21 H N N 78  
GLN HE22 H N N 79  
GLN HXT  H N N 80  
GLU N    N N N 81  
GLU CA   C N S 82  
GLU C    C N N 83  
GLU O    O N N 84  
GLU CB   C N N 85  
GLU CG   C N N 86  
GLU CD   C N N 87  
GLU OE1  O N N 88  
GLU OE2  O N N 89  
GLU OXT  O N N 90  
GLU H    H N N 91  
GLU H2   H N N 92  
GLU HA   H N N 93  
GLU HB2  H N N 94  
GLU HB3  H N N 95  
GLU HG2  H N N 96  
GLU HG3  H N N 97  
GLU HE2  H N N 98  
GLU HXT  H N N 99  
GLY N    N N N 100 
GLY CA   C N N 101 
GLY C    C N N 102 
GLY O    O N N 103 
GLY OXT  O N N 104 
GLY H    H N N 105 
GLY H2   H N N 106 
GLY HA2  H N N 107 
GLY HA3  H N N 108 
GLY HXT  H N N 109 
HOH O    O N N 110 
HOH H1   H N N 111 
HOH H2   H N N 112 
ILE N    N N N 113 
ILE CA   C N S 114 
ILE C    C N N 115 
ILE O    O N N 116 
ILE CB   C N S 117 
ILE CG1  C N N 118 
ILE CG2  C N N 119 
ILE CD1  C N N 120 
ILE OXT  O N N 121 
ILE H    H N N 122 
ILE H2   H N N 123 
ILE HA   H N N 124 
ILE HB   H N N 125 
ILE HG12 H N N 126 
ILE HG13 H N N 127 
ILE HG21 H N N 128 
ILE HG22 H N N 129 
ILE HG23 H N N 130 
ILE HD11 H N N 131 
ILE HD12 H N N 132 
ILE HD13 H N N 133 
ILE HXT  H N N 134 
IOD I    I N N 135 
LEU N    N N N 136 
LEU CA   C N S 137 
LEU C    C N N 138 
LEU O    O N N 139 
LEU CB   C N N 140 
LEU CG   C N N 141 
LEU CD1  C N N 142 
LEU CD2  C N N 143 
LEU OXT  O N N 144 
LEU H    H N N 145 
LEU H2   H N N 146 
LEU HA   H N N 147 
LEU HB2  H N N 148 
LEU HB3  H N N 149 
LEU HG   H N N 150 
LEU HD11 H N N 151 
LEU HD12 H N N 152 
LEU HD13 H N N 153 
LEU HD21 H N N 154 
LEU HD22 H N N 155 
LEU HD23 H N N 156 
LEU HXT  H N N 157 
LYS N    N N N 158 
LYS CA   C N S 159 
LYS C    C N N 160 
LYS O    O N N 161 
LYS CB   C N N 162 
LYS CG   C N N 163 
LYS CD   C N N 164 
LYS CE   C N N 165 
LYS NZ   N N N 166 
LYS OXT  O N N 167 
LYS H    H N N 168 
LYS H2   H N N 169 
LYS HA   H N N 170 
LYS HB2  H N N 171 
LYS HB3  H N N 172 
LYS HG2  H N N 173 
LYS HG3  H N N 174 
LYS HD2  H N N 175 
LYS HD3  H N N 176 
LYS HE2  H N N 177 
LYS HE3  H N N 178 
LYS HZ1  H N N 179 
LYS HZ2  H N N 180 
LYS HZ3  H N N 181 
LYS HXT  H N N 182 
MET N    N N N 183 
MET CA   C N S 184 
MET C    C N N 185 
MET O    O N N 186 
MET CB   C N N 187 
MET CG   C N N 188 
MET SD   S N N 189 
MET CE   C N N 190 
MET OXT  O N N 191 
MET H    H N N 192 
MET H2   H N N 193 
MET HA   H N N 194 
MET HB2  H N N 195 
MET HB3  H N N 196 
MET HG2  H N N 197 
MET HG3  H N N 198 
MET HE1  H N N 199 
MET HE2  H N N 200 
MET HE3  H N N 201 
MET HXT  H N N 202 
PHE N    N N N 203 
PHE CA   C N S 204 
PHE C    C N N 205 
PHE O    O N N 206 
PHE CB   C N N 207 
PHE CG   C Y N 208 
PHE CD1  C Y N 209 
PHE CD2  C Y N 210 
PHE CE1  C Y N 211 
PHE CE2  C Y N 212 
PHE CZ   C Y N 213 
PHE OXT  O N N 214 
PHE H    H N N 215 
PHE H2   H N N 216 
PHE HA   H N N 217 
PHE HB2  H N N 218 
PHE HB3  H N N 219 
PHE HD1  H N N 220 
PHE HD2  H N N 221 
PHE HE1  H N N 222 
PHE HE2  H N N 223 
PHE HZ   H N N 224 
PHE HXT  H N N 225 
SER N    N N N 226 
SER CA   C N S 227 
SER C    C N N 228 
SER O    O N N 229 
SER CB   C N N 230 
SER OG   O N N 231 
SER OXT  O N N 232 
SER H    H N N 233 
SER H2   H N N 234 
SER HA   H N N 235 
SER HB2  H N N 236 
SER HB3  H N N 237 
SER HG   H N N 238 
SER HXT  H N N 239 
THR N    N N N 240 
THR CA   C N S 241 
THR C    C N N 242 
THR O    O N N 243 
THR CB   C N R 244 
THR OG1  O N N 245 
THR CG2  C N N 246 
THR OXT  O N N 247 
THR H    H N N 248 
THR H2   H N N 249 
THR HA   H N N 250 
THR HB   H N N 251 
THR HG1  H N N 252 
THR HG21 H N N 253 
THR HG22 H N N 254 
THR HG23 H N N 255 
THR HXT  H N N 256 
TYR N    N N N 257 
TYR CA   C N S 258 
TYR C    C N N 259 
TYR O    O N N 260 
TYR CB   C N N 261 
TYR CG   C Y N 262 
TYR CD1  C Y N 263 
TYR CD2  C Y N 264 
TYR CE1  C Y N 265 
TYR CE2  C Y N 266 
TYR CZ   C Y N 267 
TYR OH   O N N 268 
TYR OXT  O N N 269 
TYR H    H N N 270 
TYR H2   H N N 271 
TYR HA   H N N 272 
TYR HB2  H N N 273 
TYR HB3  H N N 274 
TYR HD1  H N N 275 
TYR HD2  H N N 276 
TYR HE1  H N N 277 
TYR HE2  H N N 278 
TYR HH   H N N 279 
TYR HXT  H N N 280 
VAL N    N N N 281 
VAL CA   C N S 282 
VAL C    C N N 283 
VAL O    O N N 284 
VAL CB   C N N 285 
VAL CG1  C N N 286 
VAL CG2  C N N 287 
VAL OXT  O N N 288 
VAL H    H N N 289 
VAL H2   H N N 290 
VAL HA   H N N 291 
VAL HB   H N N 292 
VAL HG11 H N N 293 
VAL HG12 H N N 294 
VAL HG13 H N N 295 
VAL HG21 H N N 296 
VAL HG22 H N N 297 
VAL HG23 H N N 298 
VAL HXT  H N N 299 
# 
loop_
_chem_comp_bond.comp_id 
_chem_comp_bond.atom_id_1 
_chem_comp_bond.atom_id_2 
_chem_comp_bond.value_order 
_chem_comp_bond.pdbx_aromatic_flag 
_chem_comp_bond.pdbx_stereo_config 
_chem_comp_bond.pdbx_ordinal 
ARG N   CA   sing N N 1   
ARG N   H    sing N N 2   
ARG N   H2   sing N N 3   
ARG CA  C    sing N N 4   
ARG CA  CB   sing N N 5   
ARG CA  HA   sing N N 6   
ARG C   O    doub N N 7   
ARG C   OXT  sing N N 8   
ARG CB  CG   sing N N 9   
ARG CB  HB2  sing N N 10  
ARG CB  HB3  sing N N 11  
ARG CG  CD   sing N N 12  
ARG CG  HG2  sing N N 13  
ARG CG  HG3  sing N N 14  
ARG CD  NE   sing N N 15  
ARG CD  HD2  sing N N 16  
ARG CD  HD3  sing N N 17  
ARG NE  CZ   sing N N 18  
ARG NE  HE   sing N N 19  
ARG CZ  NH1  sing N N 20  
ARG CZ  NH2  doub N N 21  
ARG NH1 HH11 sing N N 22  
ARG NH1 HH12 sing N N 23  
ARG NH2 HH21 sing N N 24  
ARG NH2 HH22 sing N N 25  
ARG OXT HXT  sing N N 26  
ASN N   CA   sing N N 27  
ASN N   H    sing N N 28  
ASN N   H2   sing N N 29  
ASN CA  C    sing N N 30  
ASN CA  CB   sing N N 31  
ASN CA  HA   sing N N 32  
ASN C   O    doub N N 33  
ASN C   OXT  sing N N 34  
ASN CB  CG   sing N N 35  
ASN CB  HB2  sing N N 36  
ASN CB  HB3  sing N N 37  
ASN CG  OD1  doub N N 38  
ASN CG  ND2  sing N N 39  
ASN ND2 HD21 sing N N 40  
ASN ND2 HD22 sing N N 41  
ASN OXT HXT  sing N N 42  
ASP N   CA   sing N N 43  
ASP N   H    sing N N 44  
ASP N   H2   sing N N 45  
ASP CA  C    sing N N 46  
ASP CA  CB   sing N N 47  
ASP CA  HA   sing N N 48  
ASP C   O    doub N N 49  
ASP C   OXT  sing N N 50  
ASP CB  CG   sing N N 51  
ASP CB  HB2  sing N N 52  
ASP CB  HB3  sing N N 53  
ASP CG  OD1  doub N N 54  
ASP CG  OD2  sing N N 55  
ASP OD2 HD2  sing N N 56  
ASP OXT HXT  sing N N 57  
GLN N   CA   sing N N 58  
GLN N   H    sing N N 59  
GLN N   H2   sing N N 60  
GLN CA  C    sing N N 61  
GLN CA  CB   sing N N 62  
GLN CA  HA   sing N N 63  
GLN C   O    doub N N 64  
GLN C   OXT  sing N N 65  
GLN CB  CG   sing N N 66  
GLN CB  HB2  sing N N 67  
GLN CB  HB3  sing N N 68  
GLN CG  CD   sing N N 69  
GLN CG  HG2  sing N N 70  
GLN CG  HG3  sing N N 71  
GLN CD  OE1  doub N N 72  
GLN CD  NE2  sing N N 73  
GLN NE2 HE21 sing N N 74  
GLN NE2 HE22 sing N N 75  
GLN OXT HXT  sing N N 76  
GLU N   CA   sing N N 77  
GLU N   H    sing N N 78  
GLU N   H2   sing N N 79  
GLU CA  C    sing N N 80  
GLU CA  CB   sing N N 81  
GLU CA  HA   sing N N 82  
GLU C   O    doub N N 83  
GLU C   OXT  sing N N 84  
GLU CB  CG   sing N N 85  
GLU CB  HB2  sing N N 86  
GLU CB  HB3  sing N N 87  
GLU CG  CD   sing N N 88  
GLU CG  HG2  sing N N 89  
GLU CG  HG3  sing N N 90  
GLU CD  OE1  doub N N 91  
GLU CD  OE2  sing N N 92  
GLU OE2 HE2  sing N N 93  
GLU OXT HXT  sing N N 94  
GLY N   CA   sing N N 95  
GLY N   H    sing N N 96  
GLY N   H2   sing N N 97  
GLY CA  C    sing N N 98  
GLY CA  HA2  sing N N 99  
GLY CA  HA3  sing N N 100 
GLY C   O    doub N N 101 
GLY C   OXT  sing N N 102 
GLY OXT HXT  sing N N 103 
HOH O   H1   sing N N 104 
HOH O   H2   sing N N 105 
ILE N   CA   sing N N 106 
ILE N   H    sing N N 107 
ILE N   H2   sing N N 108 
ILE CA  C    sing N N 109 
ILE CA  CB   sing N N 110 
ILE CA  HA   sing N N 111 
ILE C   O    doub N N 112 
ILE C   OXT  sing N N 113 
ILE CB  CG1  sing N N 114 
ILE CB  CG2  sing N N 115 
ILE CB  HB   sing N N 116 
ILE CG1 CD1  sing N N 117 
ILE CG1 HG12 sing N N 118 
ILE CG1 HG13 sing N N 119 
ILE CG2 HG21 sing N N 120 
ILE CG2 HG22 sing N N 121 
ILE CG2 HG23 sing N N 122 
ILE CD1 HD11 sing N N 123 
ILE CD1 HD12 sing N N 124 
ILE CD1 HD13 sing N N 125 
ILE OXT HXT  sing N N 126 
LEU N   CA   sing N N 127 
LEU N   H    sing N N 128 
LEU N   H2   sing N N 129 
LEU CA  C    sing N N 130 
LEU CA  CB   sing N N 131 
LEU CA  HA   sing N N 132 
LEU C   O    doub N N 133 
LEU C   OXT  sing N N 134 
LEU CB  CG   sing N N 135 
LEU CB  HB2  sing N N 136 
LEU CB  HB3  sing N N 137 
LEU CG  CD1  sing N N 138 
LEU CG  CD2  sing N N 139 
LEU CG  HG   sing N N 140 
LEU CD1 HD11 sing N N 141 
LEU CD1 HD12 sing N N 142 
LEU CD1 HD13 sing N N 143 
LEU CD2 HD21 sing N N 144 
LEU CD2 HD22 sing N N 145 
LEU CD2 HD23 sing N N 146 
LEU OXT HXT  sing N N 147 
LYS N   CA   sing N N 148 
LYS N   H    sing N N 149 
LYS N   H2   sing N N 150 
LYS CA  C    sing N N 151 
LYS CA  CB   sing N N 152 
LYS CA  HA   sing N N 153 
LYS C   O    doub N N 154 
LYS C   OXT  sing N N 155 
LYS CB  CG   sing N N 156 
LYS CB  HB2  sing N N 157 
LYS CB  HB3  sing N N 158 
LYS CG  CD   sing N N 159 
LYS CG  HG2  sing N N 160 
LYS CG  HG3  sing N N 161 
LYS CD  CE   sing N N 162 
LYS CD  HD2  sing N N 163 
LYS CD  HD3  sing N N 164 
LYS CE  NZ   sing N N 165 
LYS CE  HE2  sing N N 166 
LYS CE  HE3  sing N N 167 
LYS NZ  HZ1  sing N N 168 
LYS NZ  HZ2  sing N N 169 
LYS NZ  HZ3  sing N N 170 
LYS OXT HXT  sing N N 171 
MET N   CA   sing N N 172 
MET N   H    sing N N 173 
MET N   H2   sing N N 174 
MET CA  C    sing N N 175 
MET CA  CB   sing N N 176 
MET CA  HA   sing N N 177 
MET C   O    doub N N 178 
MET C   OXT  sing N N 179 
MET CB  CG   sing N N 180 
MET CB  HB2  sing N N 181 
MET CB  HB3  sing N N 182 
MET CG  SD   sing N N 183 
MET CG  HG2  sing N N 184 
MET CG  HG3  sing N N 185 
MET SD  CE   sing N N 186 
MET CE  HE1  sing N N 187 
MET CE  HE2  sing N N 188 
MET CE  HE3  sing N N 189 
MET OXT HXT  sing N N 190 
PHE N   CA   sing N N 191 
PHE N   H    sing N N 192 
PHE N   H2   sing N N 193 
PHE CA  C    sing N N 194 
PHE CA  CB   sing N N 195 
PHE CA  HA   sing N N 196 
PHE C   O    doub N N 197 
PHE C   OXT  sing N N 198 
PHE CB  CG   sing N N 199 
PHE CB  HB2  sing N N 200 
PHE CB  HB3  sing N N 201 
PHE CG  CD1  doub Y N 202 
PHE CG  CD2  sing Y N 203 
PHE CD1 CE1  sing Y N 204 
PHE CD1 HD1  sing N N 205 
PHE CD2 CE2  doub Y N 206 
PHE CD2 HD2  sing N N 207 
PHE CE1 CZ   doub Y N 208 
PHE CE1 HE1  sing N N 209 
PHE CE2 CZ   sing Y N 210 
PHE CE2 HE2  sing N N 211 
PHE CZ  HZ   sing N N 212 
PHE OXT HXT  sing N N 213 
SER N   CA   sing N N 214 
SER N   H    sing N N 215 
SER N   H2   sing N N 216 
SER CA  C    sing N N 217 
SER CA  CB   sing N N 218 
SER CA  HA   sing N N 219 
SER C   O    doub N N 220 
SER C   OXT  sing N N 221 
SER CB  OG   sing N N 222 
SER CB  HB2  sing N N 223 
SER CB  HB3  sing N N 224 
SER OG  HG   sing N N 225 
SER OXT HXT  sing N N 226 
THR N   CA   sing N N 227 
THR N   H    sing N N 228 
THR N   H2   sing N N 229 
THR CA  C    sing N N 230 
THR CA  CB   sing N N 231 
THR CA  HA   sing N N 232 
THR C   O    doub N N 233 
THR C   OXT  sing N N 234 
THR CB  OG1  sing N N 235 
THR CB  CG2  sing N N 236 
THR CB  HB   sing N N 237 
THR OG1 HG1  sing N N 238 
THR CG2 HG21 sing N N 239 
THR CG2 HG22 sing N N 240 
THR CG2 HG23 sing N N 241 
THR OXT HXT  sing N N 242 
TYR N   CA   sing N N 243 
TYR N   H    sing N N 244 
TYR N   H2   sing N N 245 
TYR CA  C    sing N N 246 
TYR CA  CB   sing N N 247 
TYR CA  HA   sing N N 248 
TYR C   O    doub N N 249 
TYR C   OXT  sing N N 250 
TYR CB  CG   sing N N 251 
TYR CB  HB2  sing N N 252 
TYR CB  HB3  sing N N 253 
TYR CG  CD1  doub Y N 254 
TYR CG  CD2  sing Y N 255 
TYR CD1 CE1  sing Y N 256 
TYR CD1 HD1  sing N N 257 
TYR CD2 CE2  doub Y N 258 
TYR CD2 HD2  sing N N 259 
TYR CE1 CZ   doub Y N 260 
TYR CE1 HE1  sing N N 261 
TYR CE2 CZ   sing Y N 262 
TYR CE2 HE2  sing N N 263 
TYR CZ  OH   sing N N 264 
TYR OH  HH   sing N N 265 
TYR OXT HXT  sing N N 266 
VAL N   CA   sing N N 267 
VAL N   H    sing N N 268 
VAL N   H2   sing N N 269 
VAL CA  C    sing N N 270 
VAL CA  CB   sing N N 271 
VAL CA  HA   sing N N 272 
VAL C   O    doub N N 273 
VAL C   OXT  sing N N 274 
VAL CB  CG1  sing N N 275 
VAL CB  CG2  sing N N 276 
VAL CB  HB   sing N N 277 
VAL CG1 HG11 sing N N 278 
VAL CG1 HG12 sing N N 279 
VAL CG1 HG13 sing N N 280 
VAL CG2 HG21 sing N N 281 
VAL CG2 HG22 sing N N 282 
VAL CG2 HG23 sing N N 283 
VAL OXT HXT  sing N N 284 
# 
_pdbx_audit_support.funding_organization   'Canadian Institutes of Health Research (CIHR)' 
_pdbx_audit_support.country                Canada 
_pdbx_audit_support.grant_number           ? 
_pdbx_audit_support.ordinal                1 
# 
_atom_sites.entry_id                    6N7O 
_atom_sites.fract_transf_matrix[1][1]   -0.00307437 
_atom_sites.fract_transf_matrix[1][2]   -0.00574826 
_atom_sites.fract_transf_matrix[1][3]   0.02433709 
_atom_sites.fract_transf_matrix[2][1]   -0.01809184 
_atom_sites.fract_transf_matrix[2][2]   -0.01211061 
_atom_sites.fract_transf_matrix[2][3]   -0.00514589 
_atom_sites.fract_transf_matrix[3][1]   0.01242749 
_atom_sites.fract_transf_matrix[3][2]   -0.01747816 
_atom_sites.fract_transf_matrix[3][3]   -0.00255833 
_atom_sites.fract_transf_vector[1]      -0.009921 
_atom_sites.fract_transf_vector[2]      0.184392 
_atom_sites.fract_transf_vector[3]      1.189571 
# 
loop_
_atom_type.symbol 
C 
I 
N 
O 
S 
# 
loop_
_atom_site.group_PDB 
_atom_site.id 
_atom_site.type_symbol 
_atom_site.label_atom_id 
_atom_site.label_alt_id 
_atom_site.label_comp_id 
_atom_site.label_asym_id 
_atom_site.label_entity_id 
_atom_site.label_seq_id 
_atom_site.pdbx_PDB_ins_code 
_atom_site.Cartn_x 
_atom_site.Cartn_y 
_atom_site.Cartn_z 
_atom_site.occupancy 
_atom_site.B_iso_or_equiv 
_atom_site.pdbx_formal_charge 
_atom_site.auth_seq_id 
_atom_site.auth_comp_id 
_atom_site.auth_asym_id 
_atom_site.auth_atom_id 
_atom_site.pdbx_PDB_model_num 
ATOM   1   N N   . GLY A 1 1  ? 0.268   -10.821 11.784  1.00 62.43 ? -1  GLY B N   1 
ATOM   2   C CA  . GLY A 1 1  ? -0.363  -10.280 12.973  1.00 57.09 ? -1  GLY B CA  1 
ATOM   3   C C   . GLY A 1 1  ? -0.843  -8.843  12.844  1.00 48.14 ? -1  GLY B C   1 
ATOM   4   O O   . GLY A 1 1  ? -1.694  -8.529  12.010  1.00 32.98 ? -1  GLY B O   1 
ATOM   5   N N   . SER A 1 2  ? -0.285  -7.967  13.681  1.00 40.76 ? 0   SER B N   1 
ATOM   6   C CA  . SER A 1 2  ? -0.733  -6.579  13.714  1.00 39.45 ? 0   SER B CA  1 
ATOM   7   C C   . SER A 1 2  ? -0.445  -5.873  12.398  1.00 29.39 ? 0   SER B C   1 
ATOM   8   O O   . SER A 1 2  ? -1.303  -5.152  11.879  1.00 27.09 ? 0   SER B O   1 
ATOM   9   C CB  . SER A 1 2  ? -0.077  -5.834  14.880  1.00 59.56 ? 0   SER B CB  1 
ATOM   10  O OG  . SER A 1 2  ? -0.473  -4.471  14.907  1.00 51.09 ? 0   SER B OG  1 
ATOM   11  N N   . MET A 1 3  ? 0.751   -6.066  11.832  1.00 30.46 ? 1   MET B N   1 
ATOM   12  C CA  . MET A 1 3  ? 1.036   -5.430  10.547  1.00 26.46 ? 1   MET B CA  1 
ATOM   13  C C   . MET A 1 3  ? 0.083   -5.924  9.462   1.00 28.32 ? 1   MET B C   1 
ATOM   14  O O   . MET A 1 3  ? -0.405  -5.131  8.644   1.00 21.52 ? 1   MET B O   1 
ATOM   15  C CB  . MET A 1 3  ? 2.480   -5.678  10.125  1.00 30.26 ? 1   MET B CB  1 
ATOM   16  C CG  . MET A 1 3  ? 2.793   -5.008  8.808   1.00 21.66 ? 1   MET B CG  1 
ATOM   17  S SD  . MET A 1 3  ? 4.537   -5.075  8.384   1.00 29.28 ? 1   MET B SD  1 
ATOM   18  C CE  . MET A 1 3  ? 5.180   -4.206  9.819   1.00 30.62 ? 1   MET B CE  1 
ATOM   19  N N   . ARG A 1 4  ? -0.191  -7.232  9.429   1.00 21.99 ? 2   ARG B N   1 
ATOM   20  C CA  . ARG A 1 4  ? -1.112  -7.757  8.425   1.00 19.70 ? 2   ARG B CA  1 
ATOM   21  C C   . ARG A 1 4  ? -2.510  -7.180  8.604   1.00 20.82 ? 2   ARG B C   1 
ATOM   22  O O   . ARG A 1 4  ? -3.190  -6.857  7.625   1.00 22.84 ? 2   ARG B O   1 
ATOM   23  C CB  . ARG A 1 4  ? -1.153  -9.278  8.487   1.00 24.12 ? 2   ARG B CB  1 
ATOM   24  C CG  . ARG A 1 4  ? -2.001  -9.900  7.390   1.00 31.45 ? 2   ARG B CG  1 
ATOM   25  C CD  . ARG A 1 4  ? -1.834  -11.413 7.320   1.00 31.15 ? 2   ARG B CD  1 
ATOM   26  N NE  . ARG A 1 4  ? -2.564  -11.964 6.185   1.00 29.86 ? 2   ARG B NE  1 
ATOM   27  C CZ  . ARG A 1 4  ? -3.852  -12.290 6.224   1.00 26.97 ? 2   ARG B CZ  1 
ATOM   28  N NH1 . ARG A 1 4  ? -4.537  -12.133 7.347   1.00 33.46 ? 2   ARG B NH1 1 
ATOM   29  N NH2 . ARG A 1 4  ? -4.449  -12.780 5.147   1.00 28.67 ? 2   ARG B NH2 1 
ATOM   30  N N   . ASP A 1 5  ? -2.963  -7.044  9.853   1.00 23.91 ? 3   ASP B N   1 
ATOM   31  C CA  . ASP A 1 5  ? -4.273  -6.447  10.079  1.00 23.26 ? 3   ASP B CA  1 
ATOM   32  C C   . ASP A 1 5  ? -4.292  -4.991  9.630   1.00 20.84 ? 3   ASP B C   1 
ATOM   33  O O   . ASP A 1 5  ? -5.271  -4.528  9.037   1.00 25.41 ? 3   ASP B O   1 
ATOM   34  C CB  . ASP A 1 5  ? -4.667  -6.570  11.554  1.00 31.65 ? 3   ASP B CB  1 
ATOM   35  C CG  . ASP A 1 5  ? -4.958  -8.021  11.973  1.00 61.53 ? 3   ASP B CG  1 
ATOM   36  O OD1 . ASP A 1 5  ? -5.329  -8.849  11.108  1.00 43.36 ? 3   ASP B OD1 1 
ATOM   37  O OD2 . ASP A 1 5  ? -4.816  -8.333  13.179  1.00 57.17 ? 3   ASP B OD2 1 
ATOM   38  N N   . LYS A 1 6  ? -3.202  -4.259  9.883   1.00 18.01 ? 4   LYS B N   1 
ATOM   39  C CA  . LYS A 1 6  ? -3.134  -2.876  9.417   1.00 18.33 ? 4   LYS B CA  1 
ATOM   40  C C   . LYS A 1 6  ? -3.125  -2.814  7.900   1.00 23.69 ? 4   LYS B C   1 
ATOM   41  O O   . LYS A 1 6  ? -3.719  -1.907  7.303   1.00 18.75 ? 4   LYS B O   1 
ATOM   42  C CB  . LYS A 1 6  ? -1.890  -2.180  9.969   1.00 20.34 ? 4   LYS B CB  1 
ATOM   43  C CG  . LYS A 1 6  ? -1.887  -1.931  11.450  1.00 26.07 ? 4   LYS B CG  1 
ATOM   44  C CD  . LYS A 1 6  ? -0.563  -1.303  11.847  1.00 25.42 ? 4   LYS B CD  1 
ATOM   45  C CE  . LYS A 1 6  ? -0.527  -0.939  13.307  1.00 35.91 ? 4   LYS B CE  1 
ATOM   46  N NZ  . LYS A 1 6  ? 0.712   -0.172  13.608  1.00 36.53 ? 4   LYS B NZ  1 
ATOM   47  N N   . LEU A 1 7  ? -2.438  -3.757  7.255   1.00 17.27 ? 5   LEU B N   1 
ATOM   48  C CA  . LEU A 1 7  ? -2.439  -3.778  5.799   1.00 17.53 ? 5   LEU B CA  1 
ATOM   49  C C   . LEU A 1 7  ? -3.841  -4.028  5.266   1.00 18.23 ? 5   LEU B C   1 
ATOM   50  O O   . LEU A 1 7  ? -4.309  -3.323  4.369   1.00 17.00 ? 5   LEU B O   1 
ATOM   51  C CB  . LEU A 1 7  ? -1.459  -4.836  5.287   1.00 16.42 ? 5   LEU B CB  1 
ATOM   52  C CG  . LEU A 1 7  ? -1.397  -4.996  3.763   1.00 16.97 ? 5   LEU B CG  1 
ATOM   53  C CD1 . LEU A 1 7  ? -0.985  -3.671  3.092   1.00 21.32 ? 5   LEU B CD1 1 
ATOM   54  C CD2 . LEU A 1 7  ? -0.423  -6.115  3.376   1.00 21.49 ? 5   LEU B CD2 1 
ATOM   55  N N   . LEU A 1 8  ? -4.537  -5.028  5.815   1.00 18.96 ? 6   LEU B N   1 
ATOM   56  C CA  . LEU A 1 8  ? -5.902  -5.293  5.374   1.00 18.05 ? 6   LEU B CA  1 
ATOM   57  C C   . LEU A 1 8  ? -6.810  -4.086  5.604   1.00 19.98 ? 6   LEU B C   1 
ATOM   58  O O   . LEU A 1 8  ? -7.657  -3.775  4.759   1.00 16.96 ? 6   LEU B O   1 
ATOM   59  C CB  . LEU A 1 8  ? -6.441  -6.535  6.079   1.00 18.04 ? 6   LEU B CB  1 
ATOM   60  C CG  . LEU A 1 8  ? -5.931  -7.840  5.450   1.00 21.96 ? 6   LEU B CG  1 
ATOM   61  C CD1 . LEU A 1 8  ? -6.301  -9.067  6.263   1.00 21.15 ? 6   LEU B CD1 1 
ATOM   62  C CD2 . LEU A 1 8  ? -6.434  -7.987  4.007   1.00 22.75 ? 6   LEU B CD2 1 
ATOM   63  N N   . ASP A 1 9  ? -6.639  -3.380  6.726   1.00 19.84 ? 7   ASP B N   1 
ATOM   64  C CA  . ASP A 1 9  ? -7.464  -2.192  6.946   1.00 23.62 ? 7   ASP B CA  1 
ATOM   65  C C   . ASP A 1 9  ? -7.162  -1.091  5.933   1.00 16.10 ? 7   ASP B C   1 
ATOM   66  O O   . ASP A 1 9  ? -8.075  -0.352  5.537   1.00 16.95 ? 7   ASP B O   1 
ATOM   67  C CB  . ASP A 1 9  ? -7.304  -1.675  8.382   1.00 20.59 ? 7   ASP B CB  1 
ATOM   68  C CG  . ASP A 1 9  ? -8.112  -2.494  9.390   1.00 26.79 ? 7   ASP B CG  1 
ATOM   69  O OD1 . ASP A 1 9  ? -8.987  -3.278  8.967   1.00 25.72 ? 7   ASP B OD1 1 
ATOM   70  O OD2 . ASP A 1 9  ? -7.882  -2.359  10.609  1.00 33.95 ? 7   ASP B OD2 1 
ATOM   71  N N   . PHE A 1 10 ? -5.903  -0.966  5.481   1.00 14.97 ? 8   PHE B N   1 
ATOM   72  C CA  . PHE A 1 10 ? -5.611  -0.006  4.422   1.00 17.52 ? 8   PHE B CA  1 
ATOM   73  C C   . PHE A 1 10 ? -6.257  -0.439  3.117   1.00 19.46 ? 8   PHE B C   1 
ATOM   74  O O   . PHE A 1 10 ? -6.828  0.390   2.400   1.00 16.56 ? 8   PHE B O   1 
ATOM   75  C CB  . PHE A 1 10 ? -4.095  0.162   4.254   1.00 17.17 ? 8   PHE B CB  1 
ATOM   76  C CG  . PHE A 1 10 ? -3.700  1.160   3.194   1.00 17.22 ? 8   PHE B CG  1 
ATOM   77  C CD1 . PHE A 1 10 ? -4.382  2.364   3.051   1.00 17.25 ? 8   PHE B CD1 1 
ATOM   78  C CD2 . PHE A 1 10 ? -2.622  0.908   2.354   1.00 14.39 ? 8   PHE B CD2 1 
ATOM   79  C CE1 . PHE A 1 10 ? -3.995  3.290   2.090   1.00 15.05 ? 8   PHE B CE1 1 
ATOM   80  C CE2 . PHE A 1 10 ? -2.227  1.833   1.397   1.00 17.99 ? 8   PHE B CE2 1 
ATOM   81  C CZ  . PHE A 1 10 ? -2.918  3.021   1.250   1.00 18.78 ? 8   PHE B CZ  1 
ATOM   82  N N   . ILE A 1 11 ? -6.213  -1.738  2.807   1.00 13.67 ? 9   ILE B N   1 
ATOM   83  C CA  . ILE A 1 11 ? -6.901  -2.234  1.618   1.00 13.86 ? 9   ILE B CA  1 
ATOM   84  C C   . ILE A 1 11 ? -8.390  -1.906  1.683   1.00 14.62 ? 9   ILE B C   1 
ATOM   85  O O   . ILE A 1 11 ? -9.002  -1.516  0.675   1.00 18.60 ? 9   ILE B O   1 
ATOM   86  C CB  . ILE A 1 11 ? -6.659  -3.745  1.456   1.00 17.72 ? 9   ILE B CB  1 
ATOM   87  C CG1 . ILE A 1 11 ? -5.196  -4.005  1.106   1.00 17.48 ? 9   ILE B CG1 1 
ATOM   88  C CG2 . ILE A 1 11 ? -7.558  -4.333  0.383   1.00 19.67 ? 9   ILE B CG2 1 
ATOM   89  C CD1 . ILE A 1 11 ? -4.786  -5.473  1.243   1.00 16.71 ? 9   ILE B CD1 1 
ATOM   90  N N   . ILE A 1 12 ? -9.001  -2.064  2.857   1.00 16.39 ? 10  ILE B N   1 
ATOM   91  C CA  . ILE A 1 12 ? -10.417 -1.728  3.008   1.00 14.39 ? 10  ILE B CA  1 
ATOM   92  C C   . ILE A 1 12 ? -10.629 -0.232  2.794   1.00 14.96 ? 10  ILE B C   1 
ATOM   93  O O   . ILE A 1 12 ? -11.584 0.183   2.121   1.00 16.66 ? 10  ILE B O   1 
ATOM   94  C CB  . ILE A 1 12 ? -10.934 -2.182  4.385   1.00 16.62 ? 10  ILE B CB  1 
ATOM   95  C CG1 . ILE A 1 12 ? -10.886 -3.704  4.488   1.00 18.95 ? 10  ILE B CG1 1 
ATOM   96  C CG2 . ILE A 1 12 ? -12.378 -1.693  4.624   1.00 16.93 ? 10  ILE B CG2 1 
ATOM   97  C CD1 . ILE A 1 12 ? -11.063 -4.202  5.880   1.00 19.88 ? 10  ILE B CD1 1 
ATOM   98  N N   . GLU A 1 13 ? -9.747  0.597   3.368   1.00 18.29 ? 11  GLU B N   1 
ATOM   99  C CA  . GLU A 1 13 ? -9.850  2.041   3.170   1.00 13.90 ? 11  GLU B CA  1 
ATOM   100 C C   . GLU A 1 13 ? -9.836  2.409   1.691   1.00 18.80 ? 11  GLU B C   1 
ATOM   101 O O   . GLU A 1 13 ? -10.590 3.288   1.262   1.00 17.75 ? 11  GLU B O   1 
ATOM   102 C CB  . GLU A 1 13 ? -8.720  2.765   3.915   1.00 16.02 ? 11  GLU B CB  1 
ATOM   103 C CG  . GLU A 1 13 ? -8.795  4.276   3.776   1.00 17.15 ? 11  GLU B CG  1 
ATOM   104 C CD  . GLU A 1 13 ? -7.556  4.999   4.318   1.00 22.27 ? 11  GLU B CD  1 
ATOM   105 O OE1 . GLU A 1 13 ? -7.489  6.224   4.150   1.00 25.43 ? 11  GLU B OE1 1 
ATOM   106 O OE2 . GLU A 1 13 ? -6.662  4.346   4.912   1.00 18.77 ? 11  GLU B OE2 1 
ATOM   107 N N   . LEU A 1 14 ? -8.964  1.774   0.894   1.00 15.32 ? 12  LEU B N   1 
ATOM   108 C CA  . LEU A 1 14 ? -8.974  2.019   -0.543  1.00 19.40 ? 12  LEU B CA  1 
ATOM   109 C C   . LEU A 1 14 ? -10.254 1.491   -1.180  1.00 18.66 ? 12  LEU B C   1 
ATOM   110 O O   . LEU A 1 14 ? -10.919 2.195   -1.949  1.00 17.79 ? 12  LEU B O   1 
ATOM   111 C CB  . LEU A 1 14 ? -7.742  1.371   -1.187  1.00 16.88 ? 12  LEU B CB  1 
ATOM   112 C CG  . LEU A 1 14 ? -6.392  1.899   -0.705  1.00 17.64 ? 12  LEU B CG  1 
ATOM   113 C CD1 . LEU A 1 14 ? -5.241  0.985   -1.133  1.00 18.99 ? 12  LEU B CD1 1 
ATOM   114 C CD2 . LEU A 1 14 ? -6.155  3.315   -1.212  1.00 21.52 ? 12  LEU B CD2 1 
ATOM   115 N N   . SER A 1 15 ? -10.632 0.263   -0.838  1.00 16.65 ? 13  SER B N   1 
ATOM   116 C CA  A SER A 1 15 ? -11.751 -0.392  -1.508  0.51 18.10 ? 13  SER B CA  1 
ATOM   117 C CA  B SER A 1 15 ? -11.746 -0.379  -1.526  0.49 18.11 ? 13  SER B CA  1 
ATOM   118 C C   . SER A 1 15 ? -13.065 0.341   -1.278  1.00 26.33 ? 13  SER B C   1 
ATOM   119 O O   . SER A 1 15 ? -13.943 0.333   -2.147  1.00 19.66 ? 13  SER B O   1 
ATOM   120 C CB  A SER A 1 15 ? -11.852 -1.837  -1.022  0.51 20.76 ? 13  SER B CB  1 
ATOM   121 C CB  B SER A 1 15 ? -11.853 -1.843  -1.101  0.49 20.87 ? 13  SER B CB  1 
ATOM   122 O OG  A SER A 1 15 ? -10.653 -2.532  -1.303  0.51 25.84 ? 13  SER B OG  1 
ATOM   123 O OG  B SER A 1 15 ? -12.732 -2.550  -1.964  0.49 27.73 ? 13  SER B OG  1 
ATOM   124 N N   . GLN A 1 16 ? -13.221 0.975   -0.117  1.00 17.84 ? 14  GLN B N   1 
ATOM   125 C CA  . GLN A 1 16 ? -14.494 1.607   0.207   1.00 20.02 ? 14  GLN B CA  1 
ATOM   126 C C   . GLN A 1 16 ? -14.675 2.953   -0.482  1.00 22.14 ? 14  GLN B C   1 
ATOM   127 O O   . GLN A 1 16 ? -15.801 3.452   -0.533  1.00 24.53 ? 14  GLN B O   1 
ATOM   128 C CB  . GLN A 1 16 ? -14.623 1.781   1.718   1.00 18.87 ? 14  GLN B CB  1 
ATOM   129 C CG  . GLN A 1 16 ? -13.690 2.835   2.295   1.00 19.08 ? 14  GLN B CG  1 
ATOM   130 C CD  . GLN A 1 16 ? -13.681 2.840   3.820   1.00 17.82 ? 14  GLN B CD  1 
ATOM   131 O OE1 . GLN A 1 16 ? -14.151 1.899   4.461   1.00 19.55 ? 14  GLN B OE1 1 
ATOM   132 N NE2 . GLN A 1 16 ? -13.147 3.905   4.403   1.00 19.16 ? 14  GLN B NE2 1 
ATOM   133 N N   . SER A 1 17 ? -13.601 3.542   -1.001  1.00 19.70 ? 15  SER B N   1 
ATOM   134 C CA  . SER A 1 17 ? -13.642 4.825   -1.696  1.00 20.18 ? 15  SER B CA  1 
ATOM   135 C C   . SER A 1 17 ? -14.171 4.646   -3.114  1.00 19.92 ? 15  SER B C   1 
ATOM   136 O O   . SER A 1 17 ? -13.967 3.608   -3.747  1.00 23.85 ? 15  SER B O   1 
ATOM   137 C CB  . SER A 1 17 ? -12.240 5.433   -1.735  1.00 23.62 ? 15  SER B CB  1 
ATOM   138 O OG  . SER A 1 17 ? -12.141 6.495   -2.657  1.00 32.63 ? 15  SER B OG  1 
ATOM   139 N N   . SER A 1 18 ? -14.875 5.659   -3.613  1.00 22.49 ? 16  SER B N   1 
ATOM   140 C CA  . SER A 1 18 ? -15.300 5.643   -5.008  1.00 27.79 ? 16  SER B CA  1 
ATOM   141 C C   . SER A 1 18 ? -14.232 6.186   -5.954  1.00 33.41 ? 16  SER B C   1 
ATOM   142 O O   . SER A 1 18 ? -14.465 6.231   -7.171  1.00 27.45 ? 16  SER B O   1 
ATOM   143 C CB  . SER A 1 18 ? -16.604 6.435   -5.179  1.00 23.85 ? 16  SER B CB  1 
ATOM   144 O OG  . SER A 1 18 ? -16.475 7.736   -4.636  1.00 28.03 ? 16  SER B OG  1 
ATOM   145 N N   . LYS A 1 19 ? -13.074 6.588   -5.439  1.00 26.17 ? 17  LYS B N   1 
ATOM   146 C CA  . LYS A 1 19 ? -12.054 7.170   -6.299  1.00 20.72 ? 17  LYS B CA  1 
ATOM   147 C C   . LYS A 1 19 ? -11.419 6.095   -7.165  1.00 21.27 ? 17  LYS B C   1 
ATOM   148 O O   . LYS A 1 19 ? -11.231 4.959   -6.734  1.00 36.76 ? 17  LYS B O   1 
ATOM   149 C CB  . LYS A 1 19 ? -10.972 7.871   -5.474  1.00 17.95 ? 17  LYS B CB  1 
ATOM   150 C CG  . LYS A 1 19 ? -11.450 9.115   -4.727  1.00 21.91 ? 17  LYS B CG  1 
ATOM   151 C CD  . LYS A 1 19 ? -10.299 9.759   -3.964  1.00 28.24 ? 17  LYS B CD  1 
ATOM   152 C CE  . LYS A 1 19 ? -9.770  11.000  -4.679  1.00 37.04 ? 17  LYS B CE  1 
ATOM   153 N NZ  . LYS A 1 19 ? -9.414  10.741  -6.108  1.00 44.05 ? 17  LYS B NZ  1 
ATOM   154 N N   . GLN A 1 20 ? -11.093 6.469   -8.397  1.00 22.33 ? 18  GLN B N   1 
ATOM   155 C CA  . GLN A 1 20 ? -10.449 5.575   -9.352  1.00 19.43 ? 18  GLN B CA  1 
ATOM   156 C C   . GLN A 1 20 ? -8.930  5.674   -9.335  1.00 20.29 ? 18  GLN B C   1 
ATOM   157 O O   . GLN A 1 20 ? -8.247  4.703   -9.680  1.00 22.77 ? 18  GLN B O   1 
ATOM   158 C CB  . GLN A 1 20 ? -10.963 5.880   -10.751 1.00 28.13 ? 18  GLN B CB  1 
ATOM   159 C CG  . GLN A 1 20 ? -12.332 5.297   -10.960 1.00 46.52 ? 18  GLN B CG  1 
ATOM   160 C CD  . GLN A 1 20 ? -12.298 3.793   -10.848 1.00 72.12 ? 18  GLN B CD  1 
ATOM   161 O OE1 . GLN A 1 20 ? -12.789 3.214   -9.875  1.00 69.39 ? 18  GLN B OE1 1 
ATOM   162 N NE2 . GLN A 1 20 ? -11.683 3.153   -11.838 1.00 40.91 ? 18  GLN B NE2 1 
ATOM   163 N N   . VAL A 1 21 ? -8.394  6.847   -8.997  1.00 19.34 ? 19  VAL B N   1 
ATOM   164 C CA  . VAL A 1 21 ? -6.969  7.059   -8.812  1.00 15.42 ? 19  VAL B CA  1 
ATOM   165 C C   . VAL A 1 21 ? -6.789  7.678   -7.438  1.00 20.33 ? 19  VAL B C   1 
ATOM   166 O O   . VAL A 1 21 ? -7.699  8.298   -6.883  1.00 24.50 ? 19  VAL B O   1 
ATOM   167 C CB  . VAL A 1 21 ? -6.328  7.959   -9.901  1.00 22.95 ? 19  VAL B CB  1 
ATOM   168 C CG1 . VAL A 1 21 ? -6.553  7.368   -11.290 1.00 23.60 ? 19  VAL B CG1 1 
ATOM   169 C CG2 . VAL A 1 21 ? -6.873  9.368   -9.816  1.00 24.89 ? 19  VAL B CG2 1 
ATOM   170 N N   . VAL A 1 22 ? -5.601  7.498   -6.877  1.00 21.53 ? 20  VAL B N   1 
ATOM   171 C CA  . VAL A 1 22 ? -5.318  7.986   -5.536  1.00 20.22 ? 20  VAL B CA  1 
ATOM   172 C C   . VAL A 1 22 ? -3.952  8.645   -5.530  1.00 18.16 ? 20  VAL B C   1 
ATOM   173 O O   . VAL A 1 22 ? -3.081  8.323   -6.342  1.00 19.34 ? 20  VAL B O   1 
ATOM   174 C CB  . VAL A 1 22 ? -5.361  6.874   -4.475  1.00 21.06 ? 20  VAL B CB  1 
ATOM   175 C CG1 . VAL A 1 22 ? -6.795  6.400   -4.286  1.00 32.10 ? 20  VAL B CG1 1 
ATOM   176 C CG2 . VAL A 1 22 ? -4.445  5.723   -4.882  1.00 16.75 ? 20  VAL B CG2 1 
ATOM   177 N N   . SER A 1 23 ? -3.774  9.563   -4.587  1.00 21.00 ? 21  SER B N   1 
ATOM   178 C CA  . SER A 1 23 ? -2.508  10.263  -4.451  1.00 20.16 ? 21  SER B CA  1 
ATOM   179 C C   . SER A 1 23 ? -1.396  9.277   -4.109  1.00 17.71 ? 21  SER B C   1 
ATOM   180 O O   . SER A 1 23 ? -1.499  8.523   -3.141  1.00 16.70 ? 21  SER B O   1 
ATOM   181 C CB  . SER A 1 23 ? -2.629  11.347  -3.372  1.00 22.15 ? 21  SER B CB  1 
ATOM   182 O OG  . SER A 1 23 ? -1.368  11.705  -2.827  1.00 23.81 ? 21  SER B OG  1 
ATOM   183 N N   . LYS A 1 24 ? -0.318  9.300   -4.899  1.00 18.06 ? 22  LYS B N   1 
ATOM   184 C CA  . LYS A 1 24 ? 0.801   8.404   -4.628  1.00 20.17 ? 22  LYS B CA  1 
ATOM   185 C C   . LYS A 1 24 ? 1.442   8.723   -3.282  1.00 16.81 ? 22  LYS B C   1 
ATOM   186 O O   . LYS A 1 24 ? 1.803   7.818   -2.520  1.00 17.77 ? 22  LYS B O   1 
ATOM   187 C CB  . LYS A 1 24 ? 1.837   8.508   -5.748  1.00 16.13 ? 22  LYS B CB  1 
ATOM   188 C CG  . LYS A 1 24 ? 2.867   7.383   -5.782  1.00 18.88 ? 22  LYS B CG  1 
ATOM   189 C CD  . LYS A 1 24 ? 3.941   7.637   -6.827  1.00 21.63 ? 22  LYS B CD  1 
ATOM   190 C CE  . LYS A 1 24 ? 5.004   8.633   -6.348  1.00 21.10 ? 22  LYS B CE  1 
ATOM   191 N NZ  . LYS A 1 24 ? 5.997   8.956   -7.381  1.00 21.82 ? 22  LYS B NZ  1 
ATOM   192 N N   . SER A 1 25 ? 1.616   10.012  -2.986  1.00 17.98 ? 23  SER B N   1 
ATOM   193 C CA  A SER A 1 25 ? 2.181   10.407  -1.699  0.46 23.25 ? 23  SER B CA  1 
ATOM   194 C CA  B SER A 1 25 ? 2.193   10.389  -1.701  0.54 23.25 ? 23  SER B CA  1 
ATOM   195 C C   . SER A 1 25 ? 1.351   9.864   -0.542  1.00 22.49 ? 23  SER B C   1 
ATOM   196 O O   . SER A 1 25 ? 1.897   9.438   0.484   1.00 17.77 ? 23  SER B O   1 
ATOM   197 C CB  A SER A 1 25 ? 2.282   11.931  -1.623  0.46 26.18 ? 23  SER B CB  1 
ATOM   198 C CB  B SER A 1 25 ? 2.344   11.906  -1.616  0.54 26.25 ? 23  SER B CB  1 
ATOM   199 O OG  A SER A 1 25 ? 2.472   12.358  -0.290  0.46 23.36 ? 23  SER B OG  1 
ATOM   200 O OG  B SER A 1 25 ? 1.080   12.527  -1.708  0.54 21.99 ? 23  SER B OG  1 
ATOM   201 N N   . TYR A 1 26 ? 0.019   9.878   -0.688  1.00 19.08 ? 24  TYR B N   1 
ATOM   202 C CA  . TYR A 1 26 ? -0.838  9.333   0.361   1.00 18.12 ? 24  TYR B CA  1 
ATOM   203 C C   . TYR A 1 26 ? -0.623  7.832   0.533   1.00 17.65 ? 24  TYR B C   1 
ATOM   204 O O   . TYR A 1 26 ? -0.541  7.341   1.664   1.00 18.53 ? 24  TYR B O   1 
ATOM   205 C CB  . TYR A 1 26 ? -2.312  9.609   0.068   1.00 19.68 ? 24  TYR B CB  1 
ATOM   206 C CG  . TYR A 1 26 ? -3.201  9.131   1.198   1.00 21.66 ? 24  TYR B CG  1 
ATOM   207 C CD1 . TYR A 1 26 ? -3.152  9.749   2.436   1.00 23.54 ? 24  TYR B CD1 1 
ATOM   208 C CD2 . TYR A 1 26 ? -4.062  8.056   1.035   1.00 25.97 ? 24  TYR B CD2 1 
ATOM   209 C CE1 . TYR A 1 26 ? -3.945  9.323   3.487   1.00 24.29 ? 24  TYR B CE1 1 
ATOM   210 C CE2 . TYR A 1 26 ? -4.867  7.618   2.081   1.00 21.01 ? 24  TYR B CE2 1 
ATOM   211 C CZ  . TYR A 1 26 ? -4.806  8.259   3.307   1.00 29.35 ? 24  TYR B CZ  1 
ATOM   212 O OH  . TYR A 1 26 ? -5.598  7.853   4.364   1.00 29.05 ? 24  TYR B OH  1 
ATOM   213 N N   . VAL A 1 27 ? -0.575  7.085   -0.577  1.00 14.50 ? 25  VAL B N   1 
ATOM   214 C CA  . VAL A 1 27 ? -0.334  5.641   -0.485  1.00 13.47 ? 25  VAL B CA  1 
ATOM   215 C C   . VAL A 1 27 ? 0.985   5.378   0.228   1.00 17.16 ? 25  VAL B C   1 
ATOM   216 O O   . VAL A 1 27 ? 1.077   4.522   1.114   1.00 17.47 ? 25  VAL B O   1 
ATOM   217 C CB  . VAL A 1 27 ? -0.354  4.990   -1.883  1.00 15.85 ? 25  VAL B CB  1 
ATOM   218 C CG1 . VAL A 1 27 ? 0.090   3.536   -1.831  1.00 15.68 ? 25  VAL B CG1 1 
ATOM   219 C CG2 . VAL A 1 27 ? -1.757  5.085   -2.503  1.00 16.53 ? 25  VAL B CG2 1 
ATOM   220 N N   . ILE A 1 28 ? 2.026   6.117   -0.146  1.00 15.48 ? 26  ILE B N   1 
ATOM   221 C CA  . ILE A 1 28 ? 3.329   5.928   0.489   1.00 16.17 ? 26  ILE B CA  1 
ATOM   222 C C   . ILE A 1 28 ? 3.244   6.237   1.979   1.00 21.46 ? 26  ILE B C   1 
ATOM   223 O O   . ILE A 1 28 ? 3.743   5.475   2.814   1.00 19.58 ? 26  ILE B O   1 
ATOM   224 C CB  . ILE A 1 28 ? 4.379   6.803   -0.208  1.00 16.55 ? 26  ILE B CB  1 
ATOM   225 C CG1 . ILE A 1 28 ? 4.681   6.243   -1.605  1.00 17.41 ? 26  ILE B CG1 1 
ATOM   226 C CG2 . ILE A 1 28 ? 5.633   6.940   0.668   1.00 15.22 ? 26  ILE B CG2 1 
ATOM   227 C CD1 . ILE A 1 28 ? 5.558   7.160   -2.446  1.00 20.73 ? 26  ILE B CD1 1 
ATOM   228 N N   . ASP A 1 29 ? 2.618   7.364   2.334   1.00 16.60 ? 27  ASP B N   1 
ATOM   229 C CA  . ASP A 1 29 ? 2.469   7.713   3.746   1.00 17.83 ? 27  ASP B CA  1 
ATOM   230 C C   . ASP A 1 29 ? 1.782   6.589   4.513   1.00 19.14 ? 27  ASP B C   1 
ATOM   231 O O   . ASP A 1 29 ? 2.221   6.213   5.603   1.00 17.79 ? 27  ASP B O   1 
ATOM   232 C CB  . ASP A 1 29 ? 1.674   9.008   3.909   1.00 17.04 ? 27  ASP B CB  1 
ATOM   233 C CG  . ASP A 1 29 ? 2.494   10.255  3.607   1.00 44.00 ? 27  ASP B CG  1 
ATOM   234 O OD1 . ASP A 1 29 ? 3.726   10.156  3.423   1.00 33.74 ? 27  ASP B OD1 1 
ATOM   235 O OD2 . ASP A 1 29 ? 1.895   11.352  3.561   1.00 34.80 ? 27  ASP B OD2 1 
ATOM   236 N N   . ARG A 1 30 ? 0.702   6.039   3.955   1.00 18.20 ? 28  ARG B N   1 
ATOM   237 C CA  . ARG A 1 30 ? -0.052  5.014   4.680   1.00 19.23 ? 28  ARG B CA  1 
ATOM   238 C C   . ARG A 1 30 ? 0.754   3.728   4.831   1.00 16.33 ? 28  ARG B C   1 
ATOM   239 O O   . ARG A 1 30 ? 0.708   3.077   5.888   1.00 19.44 ? 28  ARG B O   1 
ATOM   240 C CB  . ARG A 1 30 ? -1.377  4.727   3.978   1.00 18.41 ? 28  ARG B CB  1 
ATOM   241 C CG  . ARG A 1 30 ? -2.341  5.898   4.017   1.00 20.33 ? 28  ARG B CG  1 
ATOM   242 C CD  . ARG A 1 30 ? -3.015  6.050   5.377   1.00 18.13 ? 28  ARG B CD  1 
ATOM   243 N NE  . ARG A 1 30 ? -3.976  4.974   5.628   1.00 18.85 ? 28  ARG B NE  1 
ATOM   244 C CZ  . ARG A 1 30 ? -3.793  4.013   6.530   1.00 21.40 ? 28  ARG B CZ  1 
ATOM   245 N NH1 . ARG A 1 30 ? -2.687  4.000   7.259   1.00 24.34 ? 28  ARG B NH1 1 
ATOM   246 N NH2 . ARG A 1 30 ? -4.709  3.066   6.708   1.00 21.43 ? 28  ARG B NH2 1 
ATOM   247 N N   . LEU A 1 31 ? 1.475   3.327   3.780   1.00 17.50 ? 29  LEU B N   1 
ATOM   248 C CA  . LEU A 1 31 ? 2.267   2.106   3.859   1.00 18.05 ? 29  LEU B CA  1 
ATOM   249 C C   . LEU A 1 31 ? 3.421   2.271   4.844   1.00 21.74 ? 29  LEU B C   1 
ATOM   250 O O   . LEU A 1 31 ? 3.796   1.317   5.534   1.00 17.00 ? 29  LEU B O   1 
ATOM   251 C CB  . LEU A 1 31 ? 2.784   1.717   2.476   1.00 17.14 ? 29  LEU B CB  1 
ATOM   252 C CG  . LEU A 1 31 ? 1.711   1.280   1.471   1.00 19.16 ? 29  LEU B CG  1 
ATOM   253 C CD1 . LEU A 1 31 ? 2.307   1.033   0.112   1.00 21.45 ? 29  LEU B CD1 1 
ATOM   254 C CD2 . LEU A 1 31 ? 1.013   0.021   1.986   1.00 19.96 ? 29  LEU B CD2 1 
ATOM   255 N N   A MET A 1 32 ? 3.998   3.469   4.935   0.63 23.59 ? 30  MET B N   1 
ATOM   256 N N   B MET A 1 32 ? 4.008   3.471   4.906   0.37 23.48 ? 30  MET B N   1 
ATOM   257 C CA  A MET A 1 32 ? 5.011   3.682   5.957   0.63 23.03 ? 30  MET B CA  1 
ATOM   258 C CA  B MET A 1 32 ? 4.995   3.760   5.937   0.37 23.08 ? 30  MET B CA  1 
ATOM   259 C C   A MET A 1 32 ? 4.413   3.590   7.351   0.63 24.09 ? 30  MET B C   1 
ATOM   260 C C   B MET A 1 32 ? 4.400   3.565   7.322   0.37 24.04 ? 30  MET B C   1 
ATOM   261 O O   A MET A 1 32 ? 5.082   3.127   8.281   0.63 24.80 ? 30  MET B O   1 
ATOM   262 O O   B MET A 1 32 ? 5.052   3.018   8.219   0.37 24.76 ? 30  MET B O   1 
ATOM   263 C CB  A MET A 1 32 ? 5.697   5.027   5.742   0.63 23.02 ? 30  MET B CB  1 
ATOM   264 C CB  B MET A 1 32 ? 5.523   5.186   5.779   0.37 22.47 ? 30  MET B CB  1 
ATOM   265 C CG  A MET A 1 32 ? 6.549   5.030   4.492   0.63 19.49 ? 30  MET B CG  1 
ATOM   266 C CG  B MET A 1 32 ? 6.365   5.392   4.537   0.37 22.93 ? 30  MET B CG  1 
ATOM   267 S SD  A MET A 1 32 ? 7.513   6.531   4.342   0.63 26.38 ? 30  MET B SD  1 
ATOM   268 S SD  B MET A 1 32 ? 7.848   4.374   4.546   0.37 29.85 ? 30  MET B SD  1 
ATOM   269 C CE  A MET A 1 32 ? 8.432   6.473   5.878   0.63 31.07 ? 30  MET B CE  1 
ATOM   270 C CE  B MET A 1 32 ? 8.656   4.966   6.029   0.37 30.99 ? 30  MET B CE  1 
ATOM   271 N N   . GLN A 1 33 ? 3.151   3.995   7.511   1.00 20.67 ? 31  GLN B N   1 
ATOM   272 C CA  . GLN A 1 33 ? 2.478   3.773   8.783   1.00 17.42 ? 31  GLN B CA  1 
ATOM   273 C C   . GLN A 1 33 ? 2.251   2.289   9.032   1.00 21.19 ? 31  GLN B C   1 
ATOM   274 O O   . GLN A 1 33 ? 2.430   1.807   10.154  1.00 26.78 ? 31  GLN B O   1 
ATOM   275 C CB  . GLN A 1 33 ? 1.152   4.519   8.819   1.00 27.19 ? 31  GLN B CB  1 
ATOM   276 C CG  . GLN A 1 33 ? 1.293   6.031   8.787   1.00 26.57 ? 31  GLN B CG  1 
ATOM   277 C CD  . GLN A 1 33 ? -0.058  6.738   8.805   1.00 37.82 ? 31  GLN B CD  1 
ATOM   278 O OE1 . GLN A 1 33 ? -0.997  6.340   8.114   1.00 30.72 ? 31  GLN B OE1 1 
ATOM   279 N NE2 . GLN A 1 33 ? -0.163  7.784   9.612   1.00 39.92 ? 31  GLN B NE2 1 
ATOM   280 N N   . VAL A 1 34 ? 1.862   1.549   7.994   1.00 21.83 ? 32  VAL B N   1 
ATOM   281 C CA  . VAL A 1 34 ? 1.587   0.123   8.160   1.00 22.80 ? 32  VAL B CA  1 
ATOM   282 C C   . VAL A 1 34 ? 2.845   -0.623  8.584   1.00 24.59 ? 32  VAL B C   1 
ATOM   283 O O   . VAL A 1 34 ? 2.798   -1.523  9.438   1.00 26.19 ? 32  VAL B O   1 
ATOM   284 C CB  . VAL A 1 34 ? 1.004   -0.449  6.858   1.00 17.62 ? 32  VAL B CB  1 
ATOM   285 C CG1 . VAL A 1 34 ? 0.977   -1.973  6.919   1.00 20.38 ? 32  VAL B CG1 1 
ATOM   286 C CG2 . VAL A 1 34 ? -0.386  0.122   6.611   1.00 22.40 ? 32  VAL B CG2 1 
ATOM   287 N N   . THR A 1 35 ? 3.990   -0.251  8.018   1.00 22.49 ? 33  THR B N   1 
ATOM   288 C CA  . THR A 1 35 ? 5.237   -0.961  8.272   1.00 19.64 ? 33  THR B CA  1 
ATOM   289 C C   . THR A 1 35 ? 5.992   -0.440  9.489   1.00 22.77 ? 33  THR B C   1 
ATOM   290 O O   . THR A 1 35 ? 7.047   -0.993  9.809   1.00 25.99 ? 33  THR B O   1 
ATOM   291 C CB  . THR A 1 35 ? 6.157   -0.887  7.058   1.00 23.87 ? 33  THR B CB  1 
ATOM   292 O OG1 . THR A 1 35 ? 6.387   0.487   6.712   1.00 27.02 ? 33  THR B OG1 1 
ATOM   293 C CG2 . THR A 1 35 ? 5.536   -1.620  5.879   1.00 24.78 ? 33  THR B CG2 1 
ATOM   294 N N   . LYS A 1 36 ? 5.491   0.595   10.159  1.00 20.98 ? 34  LYS B N   1 
ATOM   295 C CA  . LYS A 1 36 ? 6.230   1.225   11.250  1.00 27.47 ? 34  LYS B CA  1 
ATOM   296 C C   . LYS A 1 36 ? 6.343   0.274   12.433  1.00 38.62 ? 34  LYS B C   1 
ATOM   297 O O   . LYS A 1 36 ? 5.366   -0.383  12.809  1.00 31.53 ? 34  LYS B O   1 
ATOM   298 C CB  . LYS A 1 36 ? 5.546   2.525   11.672  1.00 39.21 ? 34  LYS B CB  1 
ATOM   299 C CG  . LYS A 1 36 ? 6.267   3.294   12.785  1.00 38.04 ? 34  LYS B CG  1 
ATOM   300 C CD  . LYS A 1 36 ? 7.591   3.868   12.306  1.00 45.94 ? 34  LYS B CD  1 
ATOM   301 C CE  . LYS A 1 36 ? 8.342   4.551   13.446  1.00 56.56 ? 34  LYS B CE  1 
ATOM   302 N NZ  . LYS A 1 36 ? 9.645   5.107   12.990  1.00 62.46 ? 34  LYS B NZ  1 
ATOM   303 N N   . GLU A 1 37 ? 7.539   0.196   13.012  1.00 33.15 ? 35  GLU B N   1 
ATOM   304 C CA  . GLU A 1 37 ? 7.853   -0.613  14.179  1.00 47.33 ? 35  GLU B CA  1 
ATOM   305 C C   . GLU A 1 37 ? 8.458   0.275   15.263  1.00 51.96 ? 35  GLU B C   1 
ATOM   306 O O   . GLU A 1 37 ? 8.669   1.476   15.072  1.00 44.48 ? 35  GLU B O   1 
ATOM   307 C CB  . GLU A 1 37 ? 8.807   -1.750  13.809  1.00 58.45 ? 35  GLU B CB  1 
ATOM   308 C CG  . GLU A 1 37 ? 8.399   -2.513  12.555  1.00 64.09 ? 35  GLU B CG  1 
ATOM   309 C CD  . GLU A 1 37 ? 9.456   -3.503  12.101  1.00 71.66 ? 35  GLU B CD  1 
ATOM   310 O OE1 . GLU A 1 37 ? 9.117   -4.694  11.914  1.00 53.83 ? 35  GLU B OE1 1 
ATOM   311 O OE2 . GLU A 1 37 ? 10.627  -3.088  11.938  1.00 54.42 ? 35  GLU B OE2 1 
ATOM   312 N N   . ASP A 1 38 ? 8.752   -0.330  16.415  1.00 63.18 ? 36  ASP B N   1 
ATOM   313 C CA  . ASP A 1 38 ? 9.265   0.413   17.560  1.00 61.97 ? 36  ASP B CA  1 
ATOM   314 C C   . ASP A 1 38 ? 10.772  0.280   17.755  1.00 48.57 ? 36  ASP B C   1 
ATOM   315 O O   . ASP A 1 38 ? 11.359  1.103   18.468  1.00 54.31 ? 36  ASP B O   1 
ATOM   316 C CB  . ASP A 1 38 ? 8.552   -0.038  18.841  1.00 67.43 ? 36  ASP B CB  1 
ATOM   317 C CG  . ASP A 1 38 ? 7.088   0.363   18.862  1.00 73.07 ? 36  ASP B CG  1 
ATOM   318 O OD1 . ASP A 1 38 ? 6.795   1.512   19.261  1.00 80.41 ? 36  ASP B OD1 1 
ATOM   319 O OD2 . ASP A 1 38 ? 6.236   -0.465  18.472  1.00 71.09 ? 36  ASP B OD2 1 
ATOM   320 N N   . TYR A 1 39 ? 11.406  -0.703  17.120  1.00 49.94 ? 37  TYR B N   1 
ATOM   321 C CA  . TYR A 1 39 ? 12.821  -1.036  17.349  1.00 73.77 ? 37  TYR B CA  1 
ATOM   322 C C   . TYR A 1 39 ? 13.073  -1.347  18.828  1.00 65.75 ? 37  TYR B C   1 
ATOM   323 O O   . TYR A 1 39 ? 12.203  -1.885  19.517  1.00 73.60 ? 37  TYR B O   1 
ATOM   324 C CB  . TYR A 1 39 ? 13.772  0.085   16.893  1.00 51.37 ? 37  TYR B CB  1 
ATOM   325 C CG  . TYR A 1 39 ? 13.242  1.010   15.812  1.00 59.85 ? 37  TYR B CG  1 
ATOM   326 C CD1 . TYR A 1 39 ? 13.036  0.558   14.505  1.00 37.53 ? 37  TYR B CD1 1 
ATOM   327 C CD2 . TYR A 1 39 ? 12.977  2.346   16.096  1.00 39.98 ? 37  TYR B CD2 1 
ATOM   328 C CE1 . TYR A 1 39 ? 12.558  1.414   13.519  1.00 35.17 ? 37  TYR B CE1 1 
ATOM   329 C CE2 . TYR A 1 39 ? 12.503  3.204   15.122  1.00 41.49 ? 37  TYR B CE2 1 
ATOM   330 C CZ  . TYR A 1 39 ? 12.295  2.740   13.839  1.00 49.67 ? 37  TYR B CZ  1 
ATOM   331 O OH  . TYR A 1 39 ? 11.820  3.614   12.884  1.00 43.25 ? 37  TYR B OH  1 
ATOM   332 N N   . GLY B 1 1  ? 9.073   -9.041  8.927   0.63 56.61 ? -1  GLY A N   1 
ATOM   333 C CA  . GLY B 1 1  ? 9.916   -9.845  8.060   0.63 54.53 ? -1  GLY A CA  1 
ATOM   334 C C   . GLY B 1 1  ? 9.620   -9.705  6.577   0.63 35.10 ? -1  GLY A C   1 
ATOM   335 O O   . GLY B 1 1  ? 9.825   -8.646  5.988   0.63 25.79 ? -1  GLY A O   1 
ATOM   336 N N   . SER B 1 2  ? 9.125   -10.783 5.964   1.00 39.23 ? 0   SER A N   1 
ATOM   337 C CA  . SER B 1 2  ? 8.948   -10.773 4.517   1.00 37.41 ? 0   SER A CA  1 
ATOM   338 C C   . SER B 1 2  ? 7.840   -9.820  4.088   1.00 30.40 ? 0   SER A C   1 
ATOM   339 O O   . SER B 1 2  ? 7.990   -9.115  3.085   1.00 33.61 ? 0   SER A O   1 
ATOM   340 C CB  . SER B 1 2  ? 8.671   -12.179 4.002   1.00 51.42 ? 0   SER A CB  1 
ATOM   341 O OG  . SER B 1 2  ? 8.757   -12.191 2.592   1.00 46.68 ? 0   SER A OG  1 
ATOM   342 N N   . MET B 1 3  ? 6.711   -9.792  4.809   1.00 33.42 ? 1   MET A N   1 
ATOM   343 C CA  A MET B 1 3  ? 5.658   -8.847  4.462   0.26 32.09 ? 1   MET A CA  1 
ATOM   344 C CA  B MET B 1 3  ? 5.652   -8.839  4.471   0.74 32.08 ? 1   MET A CA  1 
ATOM   345 C C   . MET B 1 3  ? 6.166   -7.411  4.544   1.00 26.05 ? 1   MET A C   1 
ATOM   346 O O   . MET B 1 3  ? 5.867   -6.590  3.671   1.00 27.80 ? 1   MET A O   1 
ATOM   347 C CB  A MET B 1 3  ? 4.449   -9.052  5.370   0.26 35.51 ? 1   MET A CB  1 
ATOM   348 C CB  B MET B 1 3  ? 4.437   -8.992  5.394   0.74 35.67 ? 1   MET A CB  1 
ATOM   349 C CG  A MET B 1 3  ? 3.213   -8.286  4.953   0.26 32.46 ? 1   MET A CG  1 
ATOM   350 C CG  B MET B 1 3  ? 3.484   -7.778  5.340   0.74 29.16 ? 1   MET A CG  1 
ATOM   351 S SD  A MET B 1 3  ? 1.725   -9.097  5.554   0.26 27.47 ? 1   MET A SD  1 
ATOM   352 S SD  B MET B 1 3  ? 1.944   -7.894  6.295   0.74 29.83 ? 1   MET A SD  1 
ATOM   353 C CE  A MET B 1 3  ? 2.202   -9.400  7.254   0.26 30.91 ? 1   MET A CE  1 
ATOM   354 C CE  B MET B 1 3  ? 1.264   -9.410  5.635   0.74 28.71 ? 1   MET A CE  1 
ATOM   355 N N   . ARG B 1 4  ? 6.946   -7.100  5.577   1.00 26.93 ? 2   ARG A N   1 
ATOM   356 C CA  . ARG B 1 4  ? 7.525   -5.772  5.675   1.00 23.68 ? 2   ARG A CA  1 
ATOM   357 C C   . ARG B 1 4  ? 8.483   -5.513  4.523   1.00 25.23 ? 2   ARG A C   1 
ATOM   358 O O   . ARG B 1 4  ? 8.450   -4.446  3.902   1.00 23.19 ? 2   ARG A O   1 
ATOM   359 C CB  . ARG B 1 4  ? 8.226   -5.604  7.017   1.00 28.85 ? 2   ARG A CB  1 
ATOM   360 C CG  . ARG B 1 4  ? 8.619   -4.186  7.278   1.00 34.23 ? 2   ARG A CG  1 
ATOM   361 C CD  . ARG B 1 4  ? 9.078   -3.999  8.707   1.00 46.99 ? 2   ARG A CD  1 
ATOM   362 N NE  . ARG B 1 4  ? 9.121   -2.581  9.028   1.00 45.85 ? 2   ARG A NE  1 
ATOM   363 C CZ  . ARG B 1 4  ? 10.106  -1.769  8.669   1.00 40.21 ? 2   ARG A CZ  1 
ATOM   364 N NH1 . ARG B 1 4  ? 11.137  -2.244  7.979   1.00 31.15 ? 2   ARG A NH1 1 
ATOM   365 N NH2 . ARG B 1 4  ? 10.059  -0.485  8.994   1.00 31.52 ? 2   ARG A NH2 1 
ATOM   366 N N   . ASP B 1 5  ? 9.327   -6.494  4.201   1.00 24.22 ? 3   ASP A N   1 
ATOM   367 C CA  . ASP B 1 5  ? 10.227  -6.340  3.066   1.00 23.35 ? 3   ASP A CA  1 
ATOM   368 C C   . ASP B 1 5  ? 9.451   -6.094  1.776   1.00 23.04 ? 3   ASP A C   1 
ATOM   369 O O   . ASP B 1 5  ? 9.810   -5.206  0.996   1.00 19.50 ? 3   ASP A O   1 
ATOM   370 C CB  . ASP B 1 5  ? 11.127  -7.570  2.933   1.00 33.21 ? 3   ASP A CB  1 
ATOM   371 C CG  . ASP B 1 5  ? 12.189  -7.645  4.032   1.00 43.42 ? 3   ASP A CG  1 
ATOM   372 O OD1 . ASP B 1 5  ? 12.560  -6.591  4.589   1.00 40.06 ? 3   ASP A OD1 1 
ATOM   373 O OD2 . ASP B 1 5  ? 12.656  -8.764  4.330   1.00 52.16 ? 3   ASP A OD2 1 
ATOM   374 N N   . LYS B 1 6  ? 8.370   -6.852  1.539   1.00 23.34 ? 4   LYS A N   1 
ATOM   375 C CA  . LYS B 1 6  ? 7.616   -6.690  0.297   1.00 21.12 ? 4   LYS A CA  1 
ATOM   376 C C   . LYS B 1 6  ? 6.949   -5.321  0.218   1.00 16.16 ? 4   LYS A C   1 
ATOM   377 O O   . LYS B 1 6  ? 6.841   -4.733  -0.867  1.00 23.30 ? 4   LYS A O   1 
ATOM   378 C CB  . LYS B 1 6  ? 6.573   -7.804  0.161   1.00 30.74 ? 4   LYS A CB  1 
ATOM   379 C CG  . LYS B 1 6  ? 7.169   -9.194  -0.015  1.00 27.28 ? 4   LYS A CG  1 
ATOM   380 C CD  . LYS B 1 6  ? 6.066   -10.237 -0.016  1.00 32.90 ? 4   LYS A CD  1 
ATOM   381 C CE  . LYS B 1 6  ? 6.625   -11.645 0.057   1.00 40.35 ? 4   LYS A CE  1 
ATOM   382 N NZ  . LYS B 1 6  ? 5.517   -12.637 0.152   1.00 57.34 ? 4   LYS A NZ  1 
ATOM   383 N N   . LEU B 1 7  ? 6.473   -4.803  1.353   1.00 18.02 ? 5   LEU A N   1 
ATOM   384 C CA  . LEU B 1 7  ? 5.847   -3.490  1.344   1.00 21.74 ? 5   LEU A CA  1 
ATOM   385 C C   . LEU B 1 7  ? 6.878   -2.393  1.142   1.00 24.26 ? 5   LEU A C   1 
ATOM   386 O O   . LEU B 1 7  ? 6.628   -1.433  0.397   1.00 19.64 ? 5   LEU A O   1 
ATOM   387 C CB  . LEU B 1 7  ? 5.079   -3.259  2.637   1.00 15.83 ? 5   LEU A CB  1 
ATOM   388 C CG  . LEU B 1 7  ? 3.836   -4.125  2.780   1.00 21.40 ? 5   LEU A CG  1 
ATOM   389 C CD1 . LEU B 1 7  ? 3.207   -3.868  4.134   1.00 22.59 ? 5   LEU A CD1 1 
ATOM   390 C CD2 . LEU B 1 7  ? 2.863   -3.837  1.654   1.00 18.57 ? 5   LEU A CD2 1 
ATOM   391 N N   . LEU B 1 8  ? 8.027   -2.500  1.823   1.00 19.66 ? 6   LEU A N   1 
ATOM   392 C CA  . LEU B 1 8  ? 9.134   -1.581  1.558   1.00 20.68 ? 6   LEU A CA  1 
ATOM   393 C C   . LEU B 1 8  ? 9.515   -1.590  0.085   1.00 16.52 ? 6   LEU A C   1 
ATOM   394 O O   . LEU B 1 8  ? 9.779   -0.533  -0.493  1.00 18.41 ? 6   LEU A O   1 
ATOM   395 C CB  . LEU B 1 8  ? 10.354  -1.927  2.412   1.00 18.82 ? 6   LEU A CB  1 
ATOM   396 C CG  . LEU B 1 8  ? 10.204  -1.741  3.917   1.00 37.87 ? 6   LEU A CG  1 
ATOM   397 C CD1 . LEU B 1 8  ? 11.533  -2.032  4.601   1.00 42.51 ? 6   LEU A CD1 1 
ATOM   398 C CD2 . LEU B 1 8  ? 9.695   -0.343  4.263   1.00 44.85 ? 6   LEU A CD2 1 
ATOM   399 N N   . ASP B 1 9  ? 9.537   -2.769  -0.548  1.00 20.12 ? 7   ASP A N   1 
ATOM   400 C CA  . ASP B 1 9  ? 9.844   -2.817  -1.976  1.00 19.29 ? 7   ASP A CA  1 
ATOM   401 C C   . ASP B 1 9  ? 8.823   -2.031  -2.779  1.00 22.22 ? 7   ASP A C   1 
ATOM   402 O O   . ASP B 1 9  ? 9.172   -1.341  -3.748  1.00 19.66 ? 7   ASP A O   1 
ATOM   403 C CB  . ASP B 1 9  ? 9.882   -4.262  -2.482  1.00 22.83 ? 7   ASP A CB  1 
ATOM   404 C CG  . ASP B 1 9  ? 11.138  -5.003  -2.074  1.00 36.62 ? 7   ASP A CG  1 
ATOM   405 O OD1 . ASP B 1 9  ? 12.123  -4.354  -1.657  1.00 33.34 ? 7   ASP A OD1 1 
ATOM   406 O OD2 . ASP B 1 9  ? 11.141  -6.247  -2.181  1.00 38.90 ? 7   ASP A OD2 1 
ATOM   407 N N   . PHE B 1 10 ? 7.545   -2.153  -2.412  1.00 21.01 ? 8   PHE A N   1 
ATOM   408 C CA  . PHE B 1 10 ? 6.502   -1.438  -3.134  1.00 17.16 ? 8   PHE A CA  1 
ATOM   409 C C   . PHE B 1 10 ? 6.631   0.068   -2.908  1.00 16.71 ? 8   PHE A C   1 
ATOM   410 O O   . PHE B 1 10 ? 6.467   0.851   -3.853  1.00 16.83 ? 8   PHE A O   1 
ATOM   411 C CB  . PHE B 1 10 ? 5.126   -1.959  -2.695  1.00 14.61 ? 8   PHE A CB  1 
ATOM   412 C CG  . PHE B 1 10 ? 3.970   -1.457  -3.535  1.00 16.04 ? 8   PHE A CG  1 
ATOM   413 C CD1 . PHE B 1 10 ? 4.101   -1.234  -4.900  1.00 20.17 ? 8   PHE A CD1 1 
ATOM   414 C CD2 . PHE B 1 10 ? 2.728   -1.237  -2.952  1.00 18.54 ? 8   PHE A CD2 1 
ATOM   415 C CE1 . PHE B 1 10 ? 3.024   -0.774  -5.662  1.00 23.74 ? 8   PHE A CE1 1 
ATOM   416 C CE2 . PHE B 1 10 ? 1.647   -0.792  -3.717  1.00 17.11 ? 8   PHE A CE2 1 
ATOM   417 C CZ  . PHE B 1 10 ? 1.791   -0.560  -5.068  1.00 19.80 ? 8   PHE A CZ  1 
ATOM   418 N N   . ILE B 1 11 ? 6.932   0.483   -1.665  1.00 16.63 ? 9   ILE A N   1 
ATOM   419 C CA  . ILE B 1 11 ? 7.156   1.899   -1.368  1.00 14.43 ? 9   ILE A CA  1 
ATOM   420 C C   . ILE B 1 11 ? 8.280   2.445   -2.228  1.00 15.80 ? 9   ILE A C   1 
ATOM   421 O O   . ILE B 1 11 ? 8.194   3.559   -2.765  1.00 16.96 ? 9   ILE A O   1 
ATOM   422 C CB  . ILE B 1 11 ? 7.466   2.101   0.128   1.00 15.92 ? 9   ILE A CB  1 
ATOM   423 C CG1 . ILE B 1 11 ? 6.213   1.952   0.991   1.00 22.09 ? 9   ILE A CG1 1 
ATOM   424 C CG2 . ILE B 1 11 ? 8.042   3.466   0.363   1.00 20.27 ? 9   ILE A CG2 1 
ATOM   425 C CD1 . ILE B 1 11 ? 6.507   1.651   2.441   1.00 19.80 ? 9   ILE A CD1 1 
ATOM   426 N N   . ILE B 1 12 ? 9.360   1.677   -2.362  1.00 16.76 ? 10  ILE A N   1 
ATOM   427 C CA  . ILE B 1 12 ? 10.485  2.129   -3.172  1.00 14.98 ? 10  ILE A CA  1 
ATOM   428 C C   . ILE B 1 12 ? 10.079  2.240   -4.636  1.00 16.03 ? 10  ILE A C   1 
ATOM   429 O O   . ILE B 1 12 ? 10.424  3.218   -5.312  1.00 18.80 ? 10  ILE A O   1 
ATOM   430 C CB  . ILE B 1 12 ? 11.686  1.195   -2.960  1.00 20.34 ? 10  ILE A CB  1 
ATOM   431 C CG1 . ILE B 1 12 ? 12.202  1.349   -1.527  1.00 22.87 ? 10  ILE A CG1 1 
ATOM   432 C CG2 . ILE B 1 12 ? 12.788  1.498   -3.955  1.00 23.90 ? 10  ILE A CG2 1 
ATOM   433 C CD1 . ILE B 1 12 ? 13.122  0.231   -1.063  1.00 25.07 ? 10  ILE A CD1 1 
ATOM   434 N N   . GLU B 1 13 ? 9.318   1.264   -5.141  1.00 18.22 ? 11  GLU A N   1 
ATOM   435 C CA  A GLU B 1 13 ? 8.837   1.319   -6.522  0.50 17.46 ? 11  GLU A CA  1 
ATOM   436 C CA  B GLU B 1 13 ? 8.846   1.324   -6.524  0.50 17.46 ? 11  GLU A CA  1 
ATOM   437 C C   . GLU B 1 13 ? 8.003   2.569   -6.763  1.00 18.57 ? 11  GLU A C   1 
ATOM   438 O O   . GLU B 1 13 ? 8.212   3.299   -7.739  1.00 21.01 ? 11  GLU A O   1 
ATOM   439 C CB  A GLU B 1 13 ? 8.019   0.065   -6.837  0.50 24.72 ? 11  GLU A CB  1 
ATOM   440 C CB  B GLU B 1 13 ? 8.048   0.067   -6.861  0.50 24.73 ? 11  GLU A CB  1 
ATOM   441 C CG  A GLU B 1 13 ? 8.830   -1.213  -6.945  0.50 20.66 ? 11  GLU A CG  1 
ATOM   442 C CG  B GLU B 1 13 ? 7.428   0.098   -8.255  0.50 27.13 ? 11  GLU A CG  1 
ATOM   443 C CD  A GLU B 1 13 ? 7.955   -2.453  -7.046  0.50 29.34 ? 11  GLU A CD  1 
ATOM   444 C CD  B GLU B 1 13 ? 6.447   -1.037  -8.489  0.50 26.83 ? 11  GLU A CD  1 
ATOM   445 O OE1 A GLU B 1 13 ? 6.724   -2.309  -7.233  0.50 29.20 ? 11  GLU A OE1 1 
ATOM   446 O OE1 B GLU B 1 13 ? 6.764   -2.185  -8.112  0.50 28.72 ? 11  GLU A OE1 1 
ATOM   447 O OE2 A GLU B 1 13 ? 8.498   -3.571  -6.927  0.50 37.34 ? 11  GLU A OE2 1 
ATOM   448 O OE2 B GLU B 1 13 ? 5.359   -0.781  -9.046  0.50 28.86 ? 11  GLU A OE2 1 
ATOM   449 N N   . LEU B 1 14 ? 7.025   2.813   -5.896  1.00 20.86 ? 12  LEU A N   1 
ATOM   450 C CA  . LEU B 1 14 ? 6.232   4.030   -6.005  1.00 17.44 ? 12  LEU A CA  1 
ATOM   451 C C   . LEU B 1 14 ? 7.117   5.267   -5.947  1.00 19.77 ? 12  LEU A C   1 
ATOM   452 O O   . LEU B 1 14 ? 6.933   6.210   -6.724  1.00 22.46 ? 12  LEU A O   1 
ATOM   453 C CB  . LEU B 1 14 ? 5.194   4.056   -4.885  1.00 16.47 ? 12  LEU A CB  1 
ATOM   454 C CG  . LEU B 1 14 ? 4.120   2.967   -4.988  1.00 17.80 ? 12  LEU A CG  1 
ATOM   455 C CD1 . LEU B 1 14 ? 3.268   2.972   -3.737  1.00 21.57 ? 12  LEU A CD1 1 
ATOM   456 C CD2 . LEU B 1 14 ? 3.259   3.202   -6.229  1.00 17.25 ? 12  LEU A CD2 1 
ATOM   457 N N   . SER B 1 15 ? 8.096   5.272   -5.039  1.00 19.14 ? 13  SER A N   1 
ATOM   458 C CA  . SER B 1 15 ? 8.955   6.438   -4.855  1.00 19.23 ? 13  SER A CA  1 
ATOM   459 C C   . SER B 1 15 ? 9.784   6.729   -6.096  1.00 19.99 ? 13  SER A C   1 
ATOM   460 O O   . SER B 1 15 ? 10.061  7.896   -6.393  1.00 24.27 ? 13  SER A O   1 
ATOM   461 C CB  . SER B 1 15 ? 9.871   6.225   -3.644  1.00 18.87 ? 13  SER A CB  1 
ATOM   462 O OG  . SER B 1 15 ? 9.111   6.110   -2.457  1.00 22.53 ? 13  SER A OG  1 
ATOM   463 N N   . GLN B 1 16 ? 10.187  5.693   -6.827  1.00 23.52 ? 14  GLN A N   1 
ATOM   464 C CA  . GLN B 1 16 ? 10.947  5.874   -8.054  1.00 20.99 ? 14  GLN A CA  1 
ATOM   465 C C   . GLN B 1 16 ? 10.079  6.289   -9.229  1.00 28.07 ? 14  GLN A C   1 
ATOM   466 O O   . GLN B 1 16 ? 10.604  6.842   -10.202 1.00 24.43 ? 14  GLN A O   1 
ATOM   467 C CB  . GLN B 1 16 ? 11.693  4.590   -8.406  1.00 26.36 ? 14  GLN A CB  1 
ATOM   468 C CG  . GLN B 1 16 ? 12.786  4.245   -7.411  1.00 23.32 ? 14  GLN A CG  1 
ATOM   469 C CD  . GLN B 1 16 ? 13.483  2.966   -7.766  1.00 26.65 ? 14  GLN A CD  1 
ATOM   470 O OE1 . GLN B 1 16 ? 12.837  1.952   -8.029  1.00 31.38 ? 14  GLN A OE1 1 
ATOM   471 N NE2 . GLN B 1 16 ? 14.812  3.004   -7.801  1.00 28.99 ? 14  GLN A NE2 1 
ATOM   472 N N   . SER B 1 17 ? 8.775   6.051   -9.158  1.00 21.96 ? 15  SER A N   1 
ATOM   473 C CA  . SER B 1 17 ? 7.892   6.426   -10.249 1.00 21.75 ? 15  SER A CA  1 
ATOM   474 C C   . SER B 1 17 ? 7.750   7.939   -10.310 1.00 23.40 ? 15  SER A C   1 
ATOM   475 O O   . SER B 1 17 ? 7.787   8.629   -9.288  1.00 24.40 ? 15  SER A O   1 
ATOM   476 C CB  . SER B 1 17 ? 6.517   5.787   -10.060 1.00 23.46 ? 15  SER A CB  1 
ATOM   477 O OG  . SER B 1 17 ? 5.601   6.225   -11.058 1.00 28.91 ? 15  SER A OG  1 
ATOM   478 N N   . SER B 1 18 ? 7.597   8.458   -11.530 1.00 24.35 ? 16  SER A N   1 
ATOM   479 C CA  . SER B 1 18 ? 7.334   9.878   -11.696 1.00 22.59 ? 16  SER A CA  1 
ATOM   480 C C   . SER B 1 18 ? 5.863   10.227  -11.518 1.00 22.89 ? 16  SER A C   1 
ATOM   481 O O   . SER B 1 18 ? 5.543   11.416  -11.416 1.00 25.71 ? 16  SER A O   1 
ATOM   482 C CB  . SER B 1 18 ? 7.815   10.341  -13.069 1.00 30.53 ? 16  SER A CB  1 
ATOM   483 O OG  . SER B 1 18 ? 7.166   9.612   -14.093 1.00 37.07 ? 16  SER A OG  1 
ATOM   484 N N   . LYS B 1 19 ? 4.981   9.229   -11.452 1.00 26.00 ? 17  LYS A N   1 
ATOM   485 C CA  . LYS B 1 19 ? 3.552   9.470   -11.275 1.00 23.49 ? 17  LYS A CA  1 
ATOM   486 C C   . LYS B 1 19 ? 3.266   10.191  -9.962  1.00 19.82 ? 17  LYS A C   1 
ATOM   487 O O   . LYS B 1 19 ? 3.947   9.994   -8.947  1.00 22.48 ? 17  LYS A O   1 
ATOM   488 C CB  . LYS B 1 19 ? 2.784   8.148   -11.299 1.00 18.09 ? 17  LYS A CB  1 
ATOM   489 C CG  . LYS B 1 19 ? 2.875   7.392   -12.617 1.00 19.51 ? 17  LYS A CG  1 
ATOM   490 C CD  . LYS B 1 19 ? 1.828   6.296   -12.723 1.00 27.03 ? 17  LYS A CD  1 
ATOM   491 C CE  . LYS B 1 19 ? 1.747   5.775   -14.158 1.00 28.52 ? 17  LYS A CE  1 
ATOM   492 N NZ  . LYS B 1 19 ? 0.665   4.782   -14.334 1.00 48.65 ? 17  LYS A NZ  1 
ATOM   493 N N   . GLN B 1 20 ? 2.232   11.027  -9.987  1.00 19.95 ? 18  GLN A N   1 
ATOM   494 C CA  . GLN B 1 20 ? 1.710   11.680  -8.799  1.00 16.18 ? 18  GLN A CA  1 
ATOM   495 C C   . GLN B 1 20 ? 0.421   11.049  -8.302  1.00 16.88 ? 18  GLN A C   1 
ATOM   496 O O   . GLN B 1 20 ? 0.146   11.099  -7.103  1.00 19.30 ? 18  GLN A O   1 
ATOM   497 C CB  . GLN B 1 20 ? 1.463   13.163  -9.072  1.00 18.30 ? 18  GLN A CB  1 
ATOM   498 C CG  . GLN B 1 20 ? 2.690   13.910  -9.512  1.00 25.73 ? 18  GLN A CG  1 
ATOM   499 C CD  . GLN B 1 20 ? 2.348   15.293  -10.005 1.00 52.10 ? 18  GLN A CD  1 
ATOM   500 O OE1 . GLN B 1 20 ? 1.526   15.988  -9.400  1.00 40.71 ? 18  GLN A OE1 1 
ATOM   501 N NE2 . GLN B 1 20 ? 2.948   15.696  -11.120 1.00 63.08 ? 18  GLN A NE2 1 
ATOM   502 N N   . VAL B 1 21 ? -0.395  10.498  -9.200  1.00 16.96 ? 19  VAL A N   1 
ATOM   503 C CA  . VAL B 1 21 ? -1.558  9.708   -8.821  1.00 15.96 ? 19  VAL A CA  1 
ATOM   504 C C   . VAL B 1 21 ? -1.406  8.345   -9.476  1.00 19.52 ? 19  VAL A C   1 
ATOM   505 O O   . VAL B 1 21 ? -0.795  8.222   -10.541 1.00 18.33 ? 19  VAL A O   1 
ATOM   506 C CB  . VAL B 1 21 ? -2.894  10.366  -9.221  1.00 17.14 ? 19  VAL A CB  1 
ATOM   507 C CG1 . VAL B 1 21 ? -3.065  11.719  -8.511  1.00 15.89 ? 19  VAL A CG1 1 
ATOM   508 C CG2 . VAL B 1 21 ? -2.994  10.534  -10.729 1.00 19.07 ? 19  VAL A CG2 1 
ATOM   509 N N   . VAL B 1 22 ? -1.949  7.311   -8.827  1.00 18.93 ? 20  VAL A N   1 
ATOM   510 C CA  . VAL B 1 22 ? -1.807  5.951   -9.320  1.00 21.09 ? 20  VAL A CA  1 
ATOM   511 C C   . VAL B 1 22 ? -3.160  5.262   -9.279  1.00 20.41 ? 20  VAL A C   1 
ATOM   512 O O   . VAL B 1 22 ? -4.047  5.631   -8.506  1.00 17.30 ? 20  VAL A O   1 
ATOM   513 C CB  . VAL B 1 22 ? -0.765  5.145   -8.517  1.00 20.34 ? 20  VAL A CB  1 
ATOM   514 C CG1 . VAL B 1 22 ? 0.656   5.697   -8.769  1.00 20.12 ? 20  VAL A CG1 1 
ATOM   515 C CG2 . VAL B 1 22 ? -1.097  5.177   -7.052  1.00 18.68 ? 20  VAL A CG2 1 
ATOM   516 N N   . SER B 1 23 ? -3.300  4.246   -10.127 1.00 21.53 ? 21  SER A N   1 
ATOM   517 C CA  . SER B 1 23 ? -4.535  3.472   -10.187 1.00 19.88 ? 21  SER A CA  1 
ATOM   518 C C   . SER B 1 23 ? -4.847  2.838   -8.837  1.00 15.48 ? 21  SER A C   1 
ATOM   519 O O   . SER B 1 23 ? -4.034  2.090   -8.278  1.00 17.42 ? 21  SER A O   1 
ATOM   520 C CB  . SER B 1 23 ? -4.417  2.388   -11.254 1.00 23.73 ? 21  SER A CB  1 
ATOM   521 O OG  . SER B 1 23 ? -5.399  1.379   -11.062 1.00 23.79 ? 21  SER A OG  1 
ATOM   522 N N   . LYS B 1 24 ? -6.055  3.080   -8.332  1.00 16.99 ? 22  LYS A N   1 
ATOM   523 C CA  . LYS B 1 24 ? -6.416  2.464   -7.063  1.00 16.51 ? 22  LYS A CA  1 
ATOM   524 C C   . LYS B 1 24 ? -6.511  0.950   -7.199  1.00 18.94 ? 22  LYS A C   1 
ATOM   525 O O   . LYS B 1 24 ? -6.077  0.217   -6.304  1.00 20.39 ? 22  LYS A O   1 
ATOM   526 C CB  . LYS B 1 24 ? -7.729  3.031   -6.533  1.00 18.21 ? 22  LYS A CB  1 
ATOM   527 C CG  . LYS B 1 24 ? -7.939  2.722   -5.081  1.00 18.36 ? 22  LYS A CG  1 
ATOM   528 C CD  . LYS B 1 24 ? -9.306  3.161   -4.642  1.00 23.24 ? 22  LYS A CD  1 
ATOM   529 C CE  . LYS B 1 24 ? -10.360 2.318   -5.308  1.00 26.12 ? 22  LYS A CE  1 
ATOM   530 N NZ  . LYS B 1 24 ? -11.691 2.744   -4.829  1.00 32.46 ? 22  LYS A NZ  1 
ATOM   531 N N   A SER B 1 25 ? -7.076  0.468   -8.310  0.25 18.98 ? 23  SER A N   1 
ATOM   532 N N   B SER B 1 25 ? -7.082  0.473   -8.309  0.35 18.93 ? 23  SER A N   1 
ATOM   533 N N   C SER B 1 25 ? -7.066  0.457   -8.309  0.40 18.92 ? 23  SER A N   1 
ATOM   534 C CA  A SER B 1 25 ? -7.160  -0.974  -8.529  0.25 21.39 ? 23  SER A CA  1 
ATOM   535 C CA  B SER B 1 25 ? -7.163  -0.966  -8.546  0.35 21.38 ? 23  SER A CA  1 
ATOM   536 C CA  C SER B 1 25 ? -7.160  -0.989  -8.479  0.40 21.39 ? 23  SER A CA  1 
ATOM   537 C C   A SER B 1 25 ? -5.778  -1.611  -8.519  0.25 21.56 ? 23  SER A C   1 
ATOM   538 C C   B SER B 1 25 ? -5.781  -1.604  -8.517  0.35 21.56 ? 23  SER A C   1 
ATOM   539 C C   C SER B 1 25 ? -5.777  -1.628  -8.531  0.40 21.56 ? 23  SER A C   1 
ATOM   540 O O   A SER B 1 25 ? -5.593  -2.707  -7.974  0.25 20.26 ? 23  SER A O   1 
ATOM   541 O O   B SER B 1 25 ? -5.599  -2.690  -7.953  0.35 20.24 ? 23  SER A O   1 
ATOM   542 O O   C SER B 1 25 ? -5.589  -2.744  -8.032  0.40 20.21 ? 23  SER A O   1 
ATOM   543 C CB  A SER B 1 25 ? -7.875  -1.264  -9.850  0.25 23.25 ? 23  SER A CB  1 
ATOM   544 C CB  B SER B 1 25 ? -7.855  -1.232  -9.885  0.35 23.22 ? 23  SER A CB  1 
ATOM   545 C CB  C SER B 1 25 ? -7.968  -1.333  -9.734  0.40 23.42 ? 23  SER A CB  1 
ATOM   546 O OG  A SER B 1 25 ? -9.211  -0.794  -9.820  0.25 18.35 ? 23  SER A OG  1 
ATOM   547 O OG  B SER B 1 25 ? -7.894  -2.617  -10.171 0.35 21.74 ? 23  SER A OG  1 
ATOM   548 O OG  C SER B 1 25 ? -7.391  -0.768  -10.893 0.40 21.47 ? 23  SER A OG  1 
ATOM   549 N N   . TYR B 1 26 ? -4.794  -0.935  -9.111  1.00 18.37 ? 24  TYR A N   1 
ATOM   550 C CA  . TYR B 1 26 ? -3.441  -1.473  -9.139  1.00 18.37 ? 24  TYR A CA  1 
ATOM   551 C C   . TYR B 1 26 ? -2.865  -1.592  -7.741  1.00 22.49 ? 24  TYR A C   1 
ATOM   552 O O   . TYR B 1 26 ? -2.242  -2.609  -7.402  1.00 19.62 ? 24  TYR A O   1 
ATOM   553 C CB  . TYR B 1 26 ? -2.544  -0.591  -10.010 1.00 20.09 ? 24  TYR A CB  1 
ATOM   554 C CG  . TYR B 1 26 ? -1.092  -0.979  -9.929  1.00 23.91 ? 24  TYR A CG  1 
ATOM   555 C CD1 . TYR B 1 26 ? -0.637  -2.142  -10.525 1.00 34.03 ? 24  TYR A CD1 1 
ATOM   556 C CD2 . TYR B 1 26 ? -0.182  -0.196  -9.229  1.00 30.78 ? 24  TYR A CD2 1 
ATOM   557 C CE1 . TYR B 1 26 ? 0.698   -2.513  -10.446 1.00 39.65 ? 24  TYR A CE1 1 
ATOM   558 C CE2 . TYR B 1 26 ? 1.151   -0.559  -9.139  1.00 34.44 ? 24  TYR A CE2 1 
ATOM   559 C CZ  . TYR B 1 26 ? 1.587   -1.717  -9.750  1.00 34.81 ? 24  TYR A CZ  1 
ATOM   560 O OH  . TYR B 1 26 ? 2.911   -2.090  -9.666  1.00 38.41 ? 24  TYR A OH  1 
ATOM   561 N N   . VAL B 1 27 ? -3.052  -0.555  -6.912  1.00 16.65 ? 25  VAL A N   1 
ATOM   562 C CA  . VAL B 1 27 ? -2.528  -0.587  -5.550  1.00 14.45 ? 25  VAL A CA  1 
ATOM   563 C C   . VAL B 1 27 ? -3.184  -1.721  -4.778  1.00 14.54 ? 25  VAL A C   1 
ATOM   564 O O   . VAL B 1 27 ? -2.512  -2.511  -4.106  1.00 16.85 ? 25  VAL A O   1 
ATOM   565 C CB  . VAL B 1 27 ? -2.744  0.773   -4.852  1.00 17.88 ? 25  VAL A CB  1 
ATOM   566 C CG1 . VAL B 1 27 ? -2.381  0.704   -3.358  1.00 18.72 ? 25  VAL A CG1 1 
ATOM   567 C CG2 . VAL B 1 27 ? -1.948  1.884   -5.555  1.00 19.13 ? 25  VAL A CG2 1 
ATOM   568 N N   . ILE B 1 28 ? -4.511  -1.832  -4.890  1.00 16.30 ? 26  ILE A N   1 
ATOM   569 C CA  . ILE B 1 28 ? -5.227  -2.861  -4.143  1.00 16.19 ? 26  ILE A CA  1 
ATOM   570 C C   . ILE B 1 28 ? -4.747  -4.245  -4.558  1.00 17.62 ? 26  ILE A C   1 
ATOM   571 O O   . ILE B 1 28 ? -4.477  -5.110  -3.710  1.00 19.73 ? 26  ILE A O   1 
ATOM   572 C CB  . ILE B 1 28 ? -6.747  -2.693  -4.337  1.00 18.44 ? 26  ILE A CB  1 
ATOM   573 C CG1 . ILE B 1 28 ? -7.241  -1.426  -3.627  1.00 17.22 ? 26  ILE A CG1 1 
ATOM   574 C CG2 . ILE B 1 28 ? -7.486  -3.936  -3.867  1.00 18.46 ? 26  ILE A CG2 1 
ATOM   575 C CD1 . ILE B 1 28 ? -8.708  -1.109  -3.895  1.00 19.18 ? 26  ILE A CD1 1 
ATOM   576 N N   . ASP B 1 29 ? -4.607  -4.468  -5.862  1.00 18.27 ? 27  ASP A N   1 
ATOM   577 C CA  A ASP B 1 29 ? -4.130  -5.765  -6.332  0.57 21.17 ? 27  ASP A CA  1 
ATOM   578 C CA  B ASP B 1 29 ? -4.119  -5.755  -6.349  0.43 21.20 ? 27  ASP A CA  1 
ATOM   579 C C   . ASP B 1 29 ? -2.738  -6.069  -5.790  1.00 20.93 ? 27  ASP A C   1 
ATOM   580 O O   . ASP B 1 29 ? -2.471  -7.195  -5.347  1.00 21.58 ? 27  ASP A O   1 
ATOM   581 C CB  A ASP B 1 29 ? -4.137  -5.817  -7.861  0.57 22.33 ? 27  ASP A CB  1 
ATOM   582 C CB  B ASP B 1 29 ? -4.084  -5.754  -7.876  0.43 22.25 ? 27  ASP A CB  1 
ATOM   583 C CG  A ASP B 1 29 ? -5.538  -5.986  -8.441  0.57 31.52 ? 27  ASP A CG  1 
ATOM   584 C CG  B ASP B 1 29 ? -3.407  -6.978  -8.438  0.43 27.19 ? 27  ASP A CG  1 
ATOM   585 O OD1 A ASP B 1 29 ? -6.488  -6.253  -7.674  0.57 24.96 ? 27  ASP A OD1 1 
ATOM   586 O OD1 B ASP B 1 29 ? -4.079  -8.024  -8.553  0.43 42.26 ? 27  ASP A OD1 1 
ATOM   587 O OD2 A ASP B 1 29 ? -5.679  -5.864  -9.678  0.57 36.52 ? 27  ASP A OD2 1 
ATOM   588 O OD2 B ASP B 1 29 ? -2.205  -6.895  -8.765  0.43 27.97 ? 27  ASP A OD2 1 
ATOM   589 N N   . ARG B 1 30 ? -1.833  -5.081  -5.814  1.00 18.26 ? 28  ARG A N   1 
ATOM   590 C CA  . ARG B 1 30 ? -0.476  -5.312  -5.319  1.00 18.41 ? 28  ARG A CA  1 
ATOM   591 C C   . ARG B 1 30 ? -0.487  -5.640  -3.832  1.00 22.15 ? 28  ARG A C   1 
ATOM   592 O O   . ARG B 1 30 ? 0.193   -6.574  -3.387  1.00 19.83 ? 28  ARG A O   1 
ATOM   593 C CB  . ARG B 1 30 ? 0.405   -4.090  -5.596  1.00 22.73 ? 28  ARG A CB  1 
ATOM   594 C CG  . ARG B 1 30 ? 0.868   -3.947  -7.047  1.00 34.62 ? 28  ARG A CG  1 
ATOM   595 C CD  . ARG B 1 30 ? 1.806   -5.075  -7.460  1.00 42.73 ? 28  ARG A CD  1 
ATOM   596 N NE  . ARG B 1 30 ? 2.817   -5.370  -6.441  1.00 40.73 ? 28  ARG A NE  1 
ATOM   597 C CZ  . ARG B 1 30 ? 4.016   -4.800  -6.386  1.00 37.98 ? 28  ARG A CZ  1 
ATOM   598 N NH1 . ARG B 1 30 ? 4.365   -3.901  -7.295  1.00 27.88 ? 28  ARG A NH1 1 
ATOM   599 N NH2 . ARG B 1 30 ? 4.869   -5.135  -5.428  1.00 38.48 ? 28  ARG A NH2 1 
ATOM   600 N N   . LEU B 1 31 ? -1.258  -4.871  -3.048  1.00 16.24 ? 29  LEU A N   1 
ATOM   601 C CA  . LEU B 1 31 ? -1.313  -5.091  -1.607  1.00 18.19 ? 29  LEU A CA  1 
ATOM   602 C C   . LEU B 1 31 ? -1.965  -6.429  -1.265  1.00 16.37 ? 29  LEU A C   1 
ATOM   603 O O   . LEU B 1 31 ? -1.546  -7.103  -0.314  1.00 20.22 ? 29  LEU A O   1 
ATOM   604 C CB  . LEU B 1 31 ? -2.056  -3.941  -0.933  1.00 18.39 ? 29  LEU A CB  1 
ATOM   605 C CG  . LEU B 1 31 ? -1.321  -2.597  -1.058  1.00 19.16 ? 29  LEU A CG  1 
ATOM   606 C CD1 . LEU B 1 31 ? -2.085  -1.475  -0.323  1.00 14.81 ? 29  LEU A CD1 1 
ATOM   607 C CD2 . LEU B 1 31 ? 0.107   -2.715  -0.542  1.00 18.22 ? 29  LEU A CD2 1 
ATOM   608 N N   A MET B 1 32 ? -2.997  -6.826  -2.020  0.44 17.99 ? 30  MET A N   1 
ATOM   609 N N   B MET B 1 32 ? -2.997  -6.822  -2.018  0.56 17.97 ? 30  MET A N   1 
ATOM   610 C CA  A MET B 1 32 ? -3.629  -8.122  -1.777  0.44 19.68 ? 30  MET A CA  1 
ATOM   611 C CA  B MET B 1 32 ? -3.619  -8.122  -1.782  0.56 19.66 ? 30  MET A CA  1 
ATOM   612 C C   A MET B 1 32 ? -2.660  -9.265  -2.027  0.44 19.02 ? 30  MET A C   1 
ATOM   613 C C   B MET B 1 32 ? -2.623  -9.245  -1.990  0.56 18.97 ? 30  MET A C   1 
ATOM   614 O O   A MET B 1 32 ? -2.736  -10.304 -1.361  0.44 23.87 ? 30  MET A O   1 
ATOM   615 O O   B MET B 1 32 ? -2.643  -10.251 -1.272  0.56 23.92 ? 30  MET A O   1 
ATOM   616 C CB  A MET B 1 32 ? -4.875  -8.293  -2.650  0.44 22.38 ? 30  MET A CB  1 
ATOM   617 C CB  B MET B 1 32 ? -4.825  -8.327  -2.698  0.56 22.30 ? 30  MET A CB  1 
ATOM   618 C CG  A MET B 1 32 ? -6.098  -7.522  -2.169  0.44 25.53 ? 30  MET A CG  1 
ATOM   619 C CG  B MET B 1 32 ? -6.129  -7.754  -2.188  0.56 25.30 ? 30  MET A CG  1 
ATOM   620 S SD  A MET B 1 32 ? -7.610  -7.928  -3.084  0.44 23.01 ? 30  MET A SD  1 
ATOM   621 S SD  B MET B 1 32 ? -6.691  -8.418  -0.608  0.56 27.98 ? 30  MET A SD  1 
ATOM   622 C CE  A MET B 1 32 ? -8.815  -6.961  -2.178  0.44 29.58 ? 30  MET A CE  1 
ATOM   623 C CE  B MET B 1 32 ? -6.142  -10.127 -0.658  0.56 23.76 ? 30  MET A CE  1 
ATOM   624 N N   . GLN B 1 33 ? -1.747  -9.100  -2.983  1.00 20.46 ? 31  GLN A N   1 
ATOM   625 C CA  . GLN B 1 33 ? -0.740  -10.127 -3.216  1.00 25.08 ? 31  GLN A CA  1 
ATOM   626 C C   . GLN B 1 33 ? 0.151   -10.270 -1.988  1.00 31.49 ? 31  GLN A C   1 
ATOM   627 O O   . GLN B 1 33 ? 0.530   -11.383 -1.613  1.00 29.28 ? 31  GLN A O   1 
ATOM   628 C CB  . GLN B 1 33 ? 0.070   -9.781  -4.465  1.00 27.60 ? 31  GLN A CB  1 
ATOM   629 C CG  . GLN B 1 33 ? 0.618   -10.976 -5.208  1.00 50.08 ? 31  GLN A CG  1 
ATOM   630 C CD  . GLN B 1 33 ? -0.480  -11.846 -5.772  0.16 42.85 ? 31  GLN A CD  1 
ATOM   631 O OE1 . GLN B 1 33 ? -0.537  -13.042 -5.500  0.73 45.40 ? 31  GLN A OE1 1 
ATOM   632 N NE2 . GLN B 1 33 ? -1.363  -11.246 -6.562  0.83 56.48 ? 31  GLN A NE2 1 
ATOM   633 N N   . VAL B 1 34 ? 0.422   -9.155  -1.304  1.00 22.44 ? 32  VAL A N   1 
ATOM   634 C CA  . VAL B 1 34 ? 1.292   -9.166  -0.130  1.00 21.57 ? 32  VAL A CA  1 
ATOM   635 C C   . VAL B 1 34 ? 0.626   -9.870  1.055   1.00 28.11 ? 32  VAL A C   1 
ATOM   636 O O   . VAL B 1 34 ? 1.313   -10.487 1.877   1.00 30.61 ? 32  VAL A O   1 
ATOM   637 C CB  . VAL B 1 34 ? 1.705   -7.717  0.211   1.00 24.47 ? 32  VAL A CB  1 
ATOM   638 C CG1 . VAL B 1 34 ? 2.496   -7.661  1.513   1.00 24.10 ? 32  VAL A CG1 1 
ATOM   639 C CG2 . VAL B 1 34 ? 2.518   -7.108  -0.933  1.00 19.74 ? 32  VAL A CG2 1 
ATOM   640 N N   . THR B 1 35 ? -0.709  -9.806  1.167   1.00 21.96 ? 33  THR A N   1 
ATOM   641 C CA  . THR B 1 35 ? -1.404  -10.419 2.298   1.00 18.23 ? 33  THR A CA  1 
ATOM   642 C C   . THR B 1 35 ? -1.357  -11.942 2.285   1.00 28.82 ? 33  THR A C   1 
ATOM   643 O O   . THR B 1 35 ? -1.746  -12.558 3.283   1.00 32.09 ? 33  THR A O   1 
ATOM   644 C CB  . THR B 1 35 ? -2.871  -9.978  2.338   1.00 23.47 ? 33  THR A CB  1 
ATOM   645 O OG1 . THR B 1 35 ? -3.555  -10.473 1.182   1.00 29.47 ? 33  THR A OG1 1 
ATOM   646 C CG2 . THR B 1 35 ? -2.977  -8.461  2.378   1.00 22.59 ? 33  THR A CG2 1 
ATOM   647 N N   . LYS B 1 36 ? -0.911  -12.554 1.196   1.00 34.78 ? 34  LYS A N   1 
ATOM   648 C CA  . LYS B 1 36 ? -0.809  -14.010 1.134   1.00 41.32 ? 34  LYS A CA  1 
ATOM   649 C C   . LYS B 1 36 ? 0.373   -14.516 1.957   1.00 40.70 ? 34  LYS A C   1 
ATOM   650 O O   . LYS B 1 36 ? 0.191   -15.105 3.023   1.00 56.61 ? 34  LYS A O   1 
ATOM   651 C CB  . LYS B 1 36 ? -0.674  -14.468 -0.311  1.00 33.91 ? 34  LYS A CB  1 
ATOM   652 C CG  . LYS B 1 36 ? -1.793  -13.967 -1.206  1.00 35.33 ? 34  LYS A CG  1 
ATOM   653 C CD  . LYS B 1 36 ? -1.639  -14.489 -2.623  1.00 49.08 ? 34  LYS A CD  1 
ATOM   654 C CE  . LYS B 1 36 ? -2.771  -14.010 -3.511  1.00 46.38 ? 34  LYS A CE  1 
ATOM   655 N NZ  . LYS B 1 36 ? -2.664  -14.566 -4.895  1.00 49.37 ? 34  LYS A NZ  1 
HETATM 656 I I   . IOD C 2 .  ? -1.787  2.000   10.309  0.65 23.95 ? 101 IOD B I   1 
HETATM 657 I I   . IOD D 2 .  ? -0.591  3.152   -11.924 0.30 40.10 ? 101 IOD A I   1 
HETATM 658 I I   . IOD E 2 .  ? -2.520  6.156   -13.386 0.36 37.99 ? 102 IOD A I   1 
HETATM 659 O O   . HOH F 3 .  ? -14.723 -3.733  -2.192  1.00 34.90 ? 201 HOH B O   1 
HETATM 660 O O   . HOH F 3 .  ? -0.537  11.651  3.546   1.00 39.93 ? 202 HOH B O   1 
HETATM 661 O O   . HOH F 3 .  ? 9.848   0.312   12.037  1.00 40.93 ? 203 HOH B O   1 
HETATM 662 O O   . HOH F 3 .  ? -3.945  -10.761 10.245  1.00 45.13 ? 204 HOH B O   1 
HETATM 663 O O   . HOH F 3 .  ? 1.869   -9.286  10.556  1.00 33.72 ? 205 HOH B O   1 
HETATM 664 O O   . HOH F 3 .  ? 0.271   -12.915 10.264  1.00 45.08 ? 206 HOH B O   1 
HETATM 665 O O   . HOH F 3 .  ? 0.622   12.835  1.478   1.00 41.00 ? 207 HOH B O   1 
HETATM 666 O O   . HOH F 3 .  ? 0.976   2.284   12.739  1.00 36.44 ? 208 HOH B O   1 
HETATM 667 O O   . HOH F 3 .  ? 4.657   10.625  1.002   1.00 27.20 ? 209 HOH B O   1 
HETATM 668 O O   . HOH F 3 .  ? 7.592   10.774  -6.263  1.00 35.30 ? 210 HOH B O   1 
HETATM 669 O O   . HOH F 3 .  ? -11.054 1.328   -9.091  1.00 39.28 ? 211 HOH B O   1 
HETATM 670 O O   . HOH F 3 .  ? -8.720  2.084   -10.037 1.00 23.09 ? 212 HOH B O   1 
HETATM 671 O O   . HOH F 3 .  ? -2.001  13.430  -0.859  1.00 38.62 ? 213 HOH B O   1 
HETATM 672 O O   . HOH F 3 .  ? -9.579  -3.420  12.423  1.00 40.45 ? 214 HOH B O   1 
HETATM 673 O O   . HOH F 3 .  ? -16.064 7.586   -1.957  1.00 38.75 ? 215 HOH B O   1 
HETATM 674 O O   . HOH F 3 .  ? -4.239  0.651   8.096   1.00 26.29 ? 216 HOH B O   1 
HETATM 675 O O   . HOH F 3 .  ? -8.153  -5.869  9.307   1.00 39.34 ? 217 HOH B O   1 
HETATM 676 O O   . HOH F 3 .  ? -15.891 1.440   -3.787  1.00 38.04 ? 218 HOH B O   1 
HETATM 677 O O   . HOH F 3 .  ? 2.882   -1.543  12.297  1.00 32.72 ? 219 HOH B O   1 
HETATM 678 O O   . HOH F 3 .  ? -11.758 5.553   2.428   1.00 26.95 ? 220 HOH B O   1 
HETATM 679 O O   . HOH F 3 .  ? -9.738  7.510   2.999   1.00 35.16 ? 221 HOH B O   1 
HETATM 680 O O   . HOH F 3 .  ? -11.613 -4.255  9.573   1.00 31.35 ? 222 HOH B O   1 
HETATM 681 O O   . HOH F 3 .  ? -4.819  -15.068 3.450   1.00 43.10 ? 223 HOH B O   1 
HETATM 682 O O   . HOH F 3 .  ? 1.485   12.238  -4.810  1.00 24.31 ? 224 HOH B O   1 
HETATM 683 O O   . HOH F 3 .  ? 3.932   7.932   7.159   1.00 26.32 ? 225 HOH B O   1 
HETATM 684 O O   . HOH F 3 .  ? -17.900 5.047   -1.808  1.00 44.38 ? 226 HOH B O   1 
HETATM 685 O O   . HOH F 3 .  ? -10.617 9.717   -8.638  1.00 28.30 ? 227 HOH B O   1 
HETATM 686 O O   . HOH F 3 .  ? -16.653 -0.963  -2.254  1.00 40.54 ? 228 HOH B O   1 
HETATM 687 O O   . HOH F 3 .  ? -6.088  10.277  -2.793  1.00 25.06 ? 229 HOH B O   1 
HETATM 688 O O   . HOH F 3 .  ? 2.872   -7.954  12.900  1.00 44.63 ? 230 HOH B O   1 
HETATM 689 O O   . HOH F 3 .  ? -12.760 8.907   -0.596  1.00 43.16 ? 231 HOH B O   1 
HETATM 690 O O   . HOH F 3 .  ? -8.499  7.796   6.983   1.00 41.61 ? 232 HOH B O   1 
HETATM 691 O O   . HOH F 3 .  ? 3.558   -1.416  16.521  1.00 51.27 ? 233 HOH B O   1 
HETATM 692 O O   . HOH F 3 .  ? -16.335 6.266   1.546   1.00 36.88 ? 234 HOH B O   1 
HETATM 693 O O   . HOH F 3 .  ? 5.144   6.584   9.494   1.00 37.13 ? 235 HOH B O   1 
HETATM 694 O O   . HOH F 3 .  ? 5.309   11.256  -3.097  1.00 34.80 ? 236 HOH B O   1 
HETATM 695 O O   . HOH F 3 .  ? -8.490  6.889   -0.934  1.00 34.26 ? 237 HOH B O   1 
HETATM 696 O O   . HOH F 3 .  ? -14.022 6.844   1.422   1.00 31.83 ? 238 HOH B O   1 
HETATM 697 O O   . HOH F 3 .  ? 4.185   12.461  -5.328  1.00 33.25 ? 239 HOH B O   1 
HETATM 698 O O   . HOH F 3 .  ? -6.578  11.202  1.076   1.00 38.75 ? 240 HOH B O   1 
HETATM 699 O O   . HOH G 3 .  ? 10.606  -12.012 1.373   1.00 52.84 ? 201 HOH A O   1 
HETATM 700 O O   . HOH G 3 .  ? 6.912   -8.632  8.345   1.00 36.04 ? 202 HOH A O   1 
HETATM 701 O O   . HOH G 3 .  ? 12.128  0.016   7.871   1.00 27.49 ? 203 HOH A O   1 
HETATM 702 O O   . HOH G 3 .  ? 2.783   -6.957  -4.579  1.00 39.08 ? 204 HOH A O   1 
HETATM 703 O O   . HOH G 3 .  ? 0.427   15.933  -7.213  1.00 31.64 ? 205 HOH A O   1 
HETATM 704 O O   . HOH G 3 .  ? -5.152  -10.072 -9.462  1.00 39.52 ? 206 HOH A O   1 
HETATM 705 O O   . HOH G 3 .  ? 6.534   -5.911  -3.120  1.00 29.35 ? 207 HOH A O   1 
HETATM 706 O O   . HOH G 3 .  ? -7.432  -8.559  -8.363  1.00 37.27 ? 208 HOH A O   1 
HETATM 707 O O   . HOH G 3 .  ? -7.271  1.777   -12.807 1.00 40.36 ? 209 HOH A O   1 
HETATM 708 O O   . HOH G 3 .  ? 3.664   -11.463 2.385   1.00 40.46 ? 210 HOH A O   1 
HETATM 709 O O   . HOH G 3 .  ? -13.456 0.787   -5.275  1.00 32.94 ? 211 HOH A O   1 
HETATM 710 O O   . HOH G 3 .  ? 8.990   8.551   -1.288  1.00 28.21 ? 212 HOH A O   1 
HETATM 711 O O   . HOH G 3 .  ? 13.492  -2.514  -3.143  1.00 37.57 ? 213 HOH A O   1 
HETATM 712 O O   . HOH G 3 .  ? 11.555  -1.956  -4.996  1.00 29.42 ? 214 HOH A O   1 
HETATM 713 O O   . HOH G 3 .  ? 8.942   -7.533  -3.330  1.00 36.16 ? 215 HOH A O   1 
HETATM 714 O O   . HOH G 3 .  ? 4.702   13.572  -12.986 1.00 36.22 ? 216 HOH A O   1 
HETATM 715 O O   . HOH G 3 .  ? 12.495  -0.775  -7.394  1.00 35.24 ? 217 HOH A O   1 
HETATM 716 O O   . HOH G 3 .  ? 8.908   2.670   -10.410 1.00 32.31 ? 218 HOH A O   1 
HETATM 717 O O   . HOH G 3 .  ? 10.766  7.860   -12.858 1.00 38.86 ? 219 HOH A O   1 
HETATM 718 O O   . HOH G 3 .  ? 14.168  -4.234  4.960   1.00 39.17 ? 220 HOH A O   1 
HETATM 719 O O   . HOH G 3 .  ? 4.351   9.965   -14.607 1.00 31.50 ? 221 HOH A O   1 
HETATM 720 O O   . HOH G 3 .  ? 10.015  10.238  -8.390  1.00 41.27 ? 222 HOH A O   1 
HETATM 721 O O   . HOH G 3 .  ? 13.887  -2.722  7.185   1.00 31.25 ? 223 HOH A O   1 
HETATM 722 O O   . HOH G 3 .  ? 4.435   2.030   -10.070 1.00 43.79 ? 224 HOH A O   1 
HETATM 723 O O   . HOH G 3 .  ? -1.317  14.483  -6.015  1.00 39.00 ? 225 HOH A O   1 
HETATM 724 O O   . HOH G 3 .  ? 14.702  3.916   -11.549 1.00 47.29 ? 226 HOH A O   1 
HETATM 725 O O   . HOH G 3 .  ? 6.637   1.905   -11.782 1.00 46.89 ? 227 HOH A O   1 
HETATM 726 O O   . HOH G 3 .  ? 17.257  2.881   -11.237 1.00 40.51 ? 228 HOH A O   1 
HETATM 727 O O   . HOH G 3 .  ? 3.801   1.678   -13.330 1.00 47.49 ? 229 HOH A O   1 
HETATM 728 O O   . HOH G 3 .  ? 4.511   -9.301  -3.272  1.00 36.07 ? 230 HOH A O   1 
HETATM 729 O O   . HOH G 3 .  ? 2.270   2.524   -10.714 1.00 40.56 ? 231 HOH A O   1 
# 
